data_5NO9
#
_entry.id   5NO9
#
_cell.length_a   115.026
_cell.length_b   122.284
_cell.length_c   121.138
_cell.angle_alpha   90.000
_cell.angle_beta   90.000
_cell.angle_gamma   90.000
#
_symmetry.space_group_name_H-M   'C 2 2 21'
#
loop_
_entity.id
_entity.type
_entity.pdbx_description
1 polymer '25 kDa protein elicitor'
2 non-polymer 'MAGNESIUM ION'
3 non-polymer 2-amino-2-deoxy-alpha-D-mannopyranose
4 water water
#
_entity_poly.entity_id   1
_entity_poly.type   'polypeptide(L)'
_entity_poly.pdbx_seq_one_letter_code
;AVINHDAVPVWPQPEPADATQALAVRFKPQLDVVNGCQPYPAVDPQGNTSGGLKPSGSQAAACRDMSKAQVYSRSGTYNG
YYAIMYSWYMPKDSPSTGIGHRHDWENVVVWLDNAASANIVALSASAHSGYKKSFPADKSYLDGITAKISYKSTWPLDHE
LGFTTSAGKQQPLIQWEQMTQAARDALESTDFGNANVPFKSNFQDKLVKAFFQHHHHHH
;
_entity_poly.pdbx_strand_id   A,B,C,D
#
loop_
_chem_comp.id
_chem_comp.type
_chem_comp.name
_chem_comp.formula
95Z D-saccharide, alpha linking 2-amino-2-deoxy-alpha-D-mannopyranose 'C6 H13 N O5'
MG non-polymer 'MAGNESIUM ION' 'Mg 2'
#
# COMPACT_ATOMS: atom_id res chain seq x y z
N ALA A 1 20.97 -2.45 -3.98
CA ALA A 1 20.24 -3.14 -2.91
C ALA A 1 20.43 -2.47 -1.55
N VAL A 2 20.03 -3.18 -0.49
CA VAL A 2 20.17 -2.66 0.87
C VAL A 2 21.60 -2.92 1.36
N ILE A 3 22.26 -1.86 1.86
CA ILE A 3 23.60 -1.97 2.42
C ILE A 3 23.59 -1.47 3.86
N ASN A 4 24.68 -1.72 4.57
CA ASN A 4 24.75 -1.35 5.98
C ASN A 4 24.57 0.16 6.13
N HIS A 5 23.80 0.55 7.16
CA HIS A 5 23.47 1.96 7.35
C HIS A 5 24.71 2.84 7.41
N ASP A 6 25.80 2.33 7.97
CA ASP A 6 27.01 3.11 8.17
C ASP A 6 27.98 2.97 7.01
N ALA A 7 27.59 2.25 5.96
CA ALA A 7 28.38 2.09 4.75
C ALA A 7 27.87 2.93 3.59
N VAL A 8 26.71 3.56 3.71
CA VAL A 8 26.24 4.45 2.66
C VAL A 8 27.14 5.67 2.67
N PRO A 9 27.82 6.00 1.58
CA PRO A 9 28.67 7.20 1.58
C PRO A 9 27.82 8.47 1.62
N VAL A 10 28.38 9.49 2.26
CA VAL A 10 27.83 10.84 2.19
C VAL A 10 27.98 11.35 0.75
N TRP A 11 26.88 11.76 0.16
CA TRP A 11 26.92 12.31 -1.21
C TRP A 11 27.42 13.74 -1.12
N PRO A 12 28.55 14.07 -1.72
CA PRO A 12 29.09 15.43 -1.60
C PRO A 12 28.15 16.44 -2.24
N GLN A 13 28.10 17.63 -1.63
CA GLN A 13 27.28 18.72 -2.18
C GLN A 13 27.95 19.31 -3.43
N PRO A 14 27.34 19.20 -4.60
CA PRO A 14 27.96 19.76 -5.80
C PRO A 14 27.74 21.26 -5.89
N GLU A 15 28.38 21.88 -6.87
CA GLU A 15 28.00 23.25 -7.19
C GLU A 15 26.60 23.28 -7.78
N PRO A 16 25.80 24.29 -7.49
CA PRO A 16 24.43 24.35 -8.06
C PRO A 16 24.49 24.64 -9.56
N ALA A 17 23.90 23.75 -10.36
CA ALA A 17 23.95 23.87 -11.82
C ALA A 17 22.92 24.86 -12.38
N ASP A 18 21.93 25.27 -11.61
CA ASP A 18 20.92 26.20 -12.10
C ASP A 18 20.32 26.92 -10.91
N ALA A 19 19.32 27.76 -11.18
CA ALA A 19 18.78 28.63 -10.13
C ALA A 19 17.93 27.84 -9.14
N THR A 20 17.28 26.78 -9.62
CA THR A 20 16.58 25.87 -8.73
C THR A 20 17.54 25.34 -7.67
N GLN A 21 18.69 24.86 -8.11
CA GLN A 21 19.65 24.24 -7.21
C GLN A 21 20.32 25.28 -6.31
N ALA A 22 20.62 26.47 -6.84
CA ALA A 22 21.22 27.51 -6.01
C ALA A 22 20.26 27.98 -4.92
N LEU A 23 18.97 28.08 -5.26
CA LEU A 23 17.98 28.50 -4.27
C LEU A 23 17.88 27.50 -3.13
N ALA A 24 17.87 26.19 -3.45
CA ALA A 24 17.79 25.18 -2.39
C ALA A 24 19.03 25.21 -1.50
N VAL A 25 20.20 25.49 -2.08
CA VAL A 25 21.39 25.66 -1.26
C VAL A 25 21.21 26.87 -0.34
N ARG A 26 20.69 27.97 -0.90
CA ARG A 26 20.58 29.20 -0.14
C ARG A 26 19.68 29.06 1.09
N PHE A 27 18.57 28.32 0.96
CA PHE A 27 17.59 28.18 2.03
C PHE A 27 17.79 26.92 2.86
N LYS A 28 18.95 26.26 2.76
CA LYS A 28 19.22 25.06 3.53
C LYS A 28 19.00 25.33 5.02
N PRO A 29 18.14 24.56 5.69
CA PRO A 29 17.77 24.87 7.07
C PRO A 29 18.84 24.37 8.04
N GLN A 30 18.61 24.69 9.32
CA GLN A 30 19.39 24.16 10.43
C GLN A 30 18.54 23.13 11.15
N LEU A 31 19.17 22.07 11.65
CA LEU A 31 18.48 21.00 12.36
C LEU A 31 19.10 20.83 13.75
N ASP A 32 18.27 20.86 14.77
CA ASP A 32 18.69 20.65 16.15
C ASP A 32 18.20 19.28 16.57
N VAL A 33 19.09 18.29 16.55
CA VAL A 33 18.74 16.94 16.95
C VAL A 33 18.75 16.92 18.48
N VAL A 34 17.56 16.91 19.08
CA VAL A 34 17.46 16.94 20.53
C VAL A 34 17.69 15.56 21.12
N ASN A 35 17.05 14.55 20.55
CA ASN A 35 17.31 13.16 20.90
C ASN A 35 17.14 12.31 19.65
N GLY A 36 17.44 11.02 19.78
CA GLY A 36 17.36 10.12 18.66
C GLY A 36 18.59 10.19 17.77
N CYS A 37 18.43 9.63 16.58
CA CYS A 37 19.53 9.49 15.64
C CYS A 37 19.88 10.82 14.98
N GLN A 38 21.16 10.95 14.63
CA GLN A 38 21.60 11.95 13.67
C GLN A 38 21.13 11.56 12.26
N PRO A 39 20.99 12.54 11.36
CA PRO A 39 20.69 12.22 9.97
C PRO A 39 21.84 11.48 9.30
N TYR A 40 21.50 10.52 8.44
CA TYR A 40 22.44 9.64 7.77
C TYR A 40 22.11 9.65 6.29
N PRO A 41 23.00 9.13 5.45
CA PRO A 41 22.67 9.03 4.03
C PRO A 41 21.79 7.81 3.79
N ALA A 42 20.76 8.01 2.96
CA ALA A 42 19.80 6.96 2.68
C ALA A 42 20.06 6.22 1.38
N VAL A 43 20.86 6.80 0.48
CA VAL A 43 20.99 6.27 -0.87
C VAL A 43 22.34 6.68 -1.42
N ASP A 44 22.90 5.83 -2.29
CA ASP A 44 24.15 6.18 -2.97
C ASP A 44 23.88 6.30 -4.47
N PRO A 45 24.85 6.75 -5.28
CA PRO A 45 24.55 7.03 -6.70
C PRO A 45 24.26 5.79 -7.53
N GLN A 46 24.64 4.60 -7.05
CA GLN A 46 24.28 3.35 -7.69
C GLN A 46 22.87 2.89 -7.32
N GLY A 47 22.21 3.60 -6.40
CA GLY A 47 20.87 3.21 -5.96
C GLY A 47 20.83 2.23 -4.81
N ASN A 48 21.96 1.94 -4.18
CA ASN A 48 21.92 1.18 -2.93
C ASN A 48 21.30 2.05 -1.84
N THR A 49 20.52 1.44 -0.95
CA THR A 49 19.86 2.19 0.09
C THR A 49 20.26 1.68 1.48
N SER A 50 20.03 2.53 2.48
CA SER A 50 20.36 2.18 3.86
C SER A 50 19.47 1.07 4.42
N GLY A 51 20.10 0.09 5.06
CA GLY A 51 19.32 -0.89 5.77
C GLY A 51 18.77 -0.43 7.09
N GLY A 52 19.08 0.80 7.52
CA GLY A 52 18.55 1.28 8.79
C GLY A 52 19.07 0.48 9.98
N LEU A 53 18.37 0.62 11.10
CA LEU A 53 18.74 -0.05 12.33
C LEU A 53 17.51 -0.67 12.96
N LYS A 54 17.68 -1.85 13.54
CA LYS A 54 16.59 -2.49 14.25
C LYS A 54 16.34 -1.79 15.58
N PRO A 55 15.09 -1.44 15.91
CA PRO A 55 14.79 -0.83 17.21
C PRO A 55 14.79 -1.87 18.34
N ALA A 60 21.21 4.94 20.84
CA ALA A 60 21.57 5.72 19.66
C ALA A 60 23.04 5.59 19.29
N ALA A 61 23.80 4.73 19.99
CA ALA A 61 25.23 4.65 19.75
C ALA A 61 25.55 4.24 18.31
N ALA A 62 24.64 3.57 17.60
CA ALA A 62 24.90 3.18 16.23
C ALA A 62 24.50 4.24 15.22
N CYS A 63 23.89 5.35 15.64
CA CYS A 63 23.43 6.37 14.70
C CYS A 63 23.74 7.77 15.21
N ARG A 64 24.92 7.97 15.78
CA ARG A 64 25.31 9.27 16.31
C ARG A 64 26.56 9.83 15.65
N ASP A 65 27.02 9.22 14.56
CA ASP A 65 28.25 9.63 13.91
C ASP A 65 27.99 10.88 13.09
N MET A 66 28.52 12.01 13.55
CA MET A 66 28.32 13.30 12.88
C MET A 66 28.91 13.35 11.48
N SER A 67 29.89 12.50 11.19
CA SER A 67 30.51 12.53 9.87
C SER A 67 29.60 11.98 8.79
N LYS A 68 28.52 11.30 9.16
CA LYS A 68 27.57 10.74 8.19
C LYS A 68 26.48 11.72 7.79
N ALA A 69 26.58 12.98 8.20
CA ALA A 69 25.47 13.93 8.03
C ALA A 69 25.11 14.13 6.56
N GLN A 70 23.81 14.18 6.28
CA GLN A 70 23.30 14.39 4.94
C GLN A 70 21.93 15.03 5.03
N VAL A 71 21.59 15.89 4.06
CA VAL A 71 20.22 16.37 3.93
C VAL A 71 19.85 16.33 2.45
N TYR A 72 18.57 16.15 2.19
CA TYR A 72 17.98 16.05 0.86
C TYR A 72 17.06 17.25 0.62
N SER A 73 16.83 17.55 -0.66
CA SER A 73 15.76 18.48 -0.98
C SER A 73 15.16 18.16 -2.34
N ARG A 74 13.90 18.61 -2.50
CA ARG A 74 13.23 18.67 -3.79
C ARG A 74 12.45 19.97 -3.87
N SER A 75 12.45 20.60 -5.04
CA SER A 75 11.80 21.88 -5.24
C SER A 75 10.62 21.74 -6.21
N GLY A 76 9.64 22.60 -6.04
CA GLY A 76 8.51 22.62 -6.96
C GLY A 76 7.56 23.73 -6.59
N THR A 77 6.41 23.73 -7.25
CA THR A 77 5.39 24.75 -7.01
C THR A 77 4.07 24.09 -6.66
N TYR A 78 3.25 24.83 -5.89
CA TYR A 78 1.90 24.38 -5.58
C TYR A 78 1.03 25.60 -5.34
N ASN A 79 -0.07 25.69 -6.08
CA ASN A 79 -1.13 26.66 -5.80
C ASN A 79 -0.61 28.10 -5.77
N GLY A 80 0.35 28.40 -6.62
CA GLY A 80 0.88 29.75 -6.72
C GLY A 80 2.02 30.09 -5.77
N TYR A 81 2.53 29.13 -5.02
CA TYR A 81 3.68 29.34 -4.15
C TYR A 81 4.82 28.41 -4.56
N TYR A 82 6.03 28.76 -4.15
CA TYR A 82 7.22 28.00 -4.47
C TYR A 82 7.65 27.21 -3.23
N ALA A 83 7.82 25.90 -3.39
CA ALA A 83 8.13 25.03 -2.27
C ALA A 83 9.52 24.42 -2.43
N ILE A 84 10.31 24.48 -1.36
CA ILE A 84 11.54 23.69 -1.23
C ILE A 84 11.34 22.77 -0.05
N MET A 85 11.23 21.46 -0.32
CA MET A 85 11.11 20.45 0.73
C MET A 85 12.51 19.97 1.08
N TYR A 86 12.91 20.13 2.34
CA TYR A 86 14.13 19.55 2.87
C TYR A 86 13.78 18.31 3.71
N SER A 87 14.55 17.24 3.52
CA SER A 87 14.20 15.97 4.14
C SER A 87 15.42 15.32 4.76
N TRP A 88 15.22 14.67 5.91
CA TRP A 88 16.28 13.92 6.56
C TRP A 88 15.88 12.47 6.71
N TYR A 89 16.87 11.58 6.56
CA TYR A 89 16.73 10.15 6.82
C TYR A 89 17.46 9.81 8.11
N MET A 90 16.77 9.13 9.04
CA MET A 90 17.46 8.57 10.20
C MET A 90 17.37 7.05 10.19
N PRO A 91 18.40 6.34 10.66
CA PRO A 91 18.40 4.88 10.52
C PRO A 91 17.28 4.19 11.30
N LYS A 92 16.75 4.83 12.34
CA LYS A 92 15.62 4.28 13.07
C LYS A 92 14.89 5.41 13.76
N ASP A 93 13.65 5.13 14.14
CA ASP A 93 12.81 6.03 14.95
C ASP A 93 12.38 5.19 16.15
N SER A 94 13.18 5.22 17.21
CA SER A 94 12.98 4.35 18.37
C SER A 94 13.06 5.18 19.64
N PRO A 95 11.92 5.60 20.19
CA PRO A 95 11.97 6.46 21.39
C PRO A 95 12.40 5.72 22.65
N SER A 96 12.37 4.40 22.67
CA SER A 96 12.79 3.64 23.84
C SER A 96 13.68 2.46 23.44
N GLY A 100 9.71 1.42 18.72
CA GLY A 100 9.82 2.22 17.51
C GLY A 100 9.95 1.39 16.24
N HIS A 101 10.67 1.90 15.23
CA HIS A 101 10.78 1.13 14.00
C HIS A 101 12.05 1.47 13.25
N ARG A 102 12.42 0.54 12.36
CA ARG A 102 13.51 0.77 11.43
C ARG A 102 13.14 1.90 10.48
N HIS A 103 14.12 2.75 10.18
CA HIS A 103 14.01 3.86 9.22
C HIS A 103 13.19 5.03 9.77
N ASP A 104 13.54 6.23 9.33
CA ASP A 104 12.75 7.41 9.63
C ASP A 104 12.95 8.39 8.48
N TRP A 105 11.85 8.94 7.96
CA TRP A 105 11.92 10.00 6.97
C TRP A 105 11.11 11.17 7.48
N GLU A 106 11.73 12.34 7.53
CA GLU A 106 11.07 13.55 7.99
C GLU A 106 11.34 14.65 6.97
N ASN A 107 10.45 15.65 6.92
CA ASN A 107 10.68 16.74 5.97
C ASN A 107 10.04 18.02 6.49
N VAL A 108 10.69 19.14 6.17
CA VAL A 108 10.15 20.48 6.35
C VAL A 108 9.98 21.07 4.97
N VAL A 109 8.91 21.85 4.78
CA VAL A 109 8.69 22.55 3.54
C VAL A 109 8.85 24.03 3.81
N VAL A 110 9.75 24.67 3.08
CA VAL A 110 9.91 26.11 3.12
C VAL A 110 9.12 26.69 1.96
N TRP A 111 8.10 27.48 2.26
CA TRP A 111 7.23 28.07 1.25
C TRP A 111 7.65 29.50 0.97
N LEU A 112 7.83 29.81 -0.32
CA LEU A 112 8.19 31.16 -0.77
C LEU A 112 7.08 31.72 -1.64
N ASP A 113 6.93 33.06 -1.63
CA ASP A 113 5.92 33.67 -2.49
C ASP A 113 6.24 33.40 -3.96
N ASN A 114 7.51 33.49 -4.33
CA ASN A 114 7.98 32.99 -5.61
C ASN A 114 9.50 32.87 -5.52
N ALA A 115 10.09 32.19 -6.51
CA ALA A 115 11.50 31.87 -6.38
C ALA A 115 12.39 33.07 -6.59
N ALA A 116 11.87 34.17 -7.16
CA ALA A 116 12.67 35.37 -7.37
C ALA A 116 12.65 36.28 -6.14
N SER A 117 11.45 36.71 -5.74
CA SER A 117 11.30 37.45 -4.49
C SER A 117 11.81 36.64 -3.29
N ALA A 118 11.46 35.35 -3.24
CA ALA A 118 12.02 34.42 -2.25
C ALA A 118 11.80 34.90 -0.82
N ASN A 119 10.61 35.45 -0.56
CA ASN A 119 10.17 35.75 0.81
C ASN A 119 9.54 34.51 1.39
N ILE A 120 10.00 34.10 2.58
CA ILE A 120 9.40 32.96 3.26
C ILE A 120 8.02 33.35 3.75
N VAL A 121 7.00 32.62 3.30
CA VAL A 121 5.64 32.94 3.70
C VAL A 121 5.14 31.94 4.73
N ALA A 122 5.70 30.74 4.75
CA ALA A 122 5.25 29.72 5.69
C ALA A 122 6.30 28.62 5.80
N LEU A 123 6.23 27.88 6.92
CA LEU A 123 7.01 26.67 7.13
C LEU A 123 6.07 25.55 7.54
N SER A 124 6.31 24.35 7.00
CA SER A 124 5.55 23.15 7.33
C SER A 124 6.54 22.07 7.74
N ALA A 125 6.35 21.50 8.93
CA ALA A 125 7.27 20.47 9.43
C ALA A 125 6.51 19.18 9.67
N SER A 126 7.08 18.07 9.21
CA SER A 126 6.41 16.77 9.33
C SER A 126 6.32 16.36 10.80
N ALA A 127 5.18 15.80 11.18
CA ALA A 127 4.96 15.29 12.52
C ALA A 127 3.90 14.20 12.47
N HIS A 128 4.14 13.11 13.19
CA HIS A 128 3.24 11.95 13.33
C HIS A 128 2.14 11.81 12.26
N GLY A 130 0.63 14.39 10.43
CA GLY A 130 0.48 15.43 9.43
C GLY A 130 1.62 16.45 9.43
N TYR A 131 1.26 17.72 9.28
CA TYR A 131 2.26 18.78 9.23
C TYR A 131 1.92 19.85 10.28
N LYS A 132 2.88 20.17 11.13
CA LYS A 132 2.82 21.43 11.86
C LYS A 132 3.06 22.56 10.87
N LYS A 133 2.31 23.66 11.03
CA LYS A 133 2.41 24.77 10.10
C LYS A 133 2.62 26.07 10.85
N SER A 134 3.60 26.85 10.41
CA SER A 134 3.87 28.19 10.91
C SER A 134 3.52 29.15 9.79
N PHE A 135 2.34 29.77 9.88
CA PHE A 135 1.82 30.66 8.84
C PHE A 135 0.98 31.77 9.45
N PRO A 136 1.35 33.05 9.26
CA PRO A 136 2.59 33.48 8.61
C PRO A 136 3.82 32.98 9.37
N ALA A 137 4.96 32.82 8.71
CA ALA A 137 6.11 32.20 9.34
C ALA A 137 6.57 33.01 10.54
N ASP A 138 6.69 32.34 11.69
CA ASP A 138 7.18 32.97 12.91
C ASP A 138 8.67 33.29 12.76
N LYS A 139 9.00 34.57 12.84
CA LYS A 139 10.38 35.02 12.63
C LYS A 139 11.33 34.46 13.68
N SER A 140 10.84 34.07 14.86
CA SER A 140 11.74 33.49 15.83
C SER A 140 12.25 32.11 15.41
N TYR A 141 11.63 31.51 14.39
CA TYR A 141 12.09 30.25 13.83
C TYR A 141 13.05 30.44 12.66
N LEU A 142 13.43 31.67 12.35
CA LEU A 142 14.30 31.96 11.21
C LEU A 142 15.57 32.64 11.69
N ASP A 143 16.70 32.14 11.22
CA ASP A 143 17.99 32.78 11.36
C ASP A 143 18.28 33.38 9.99
N GLY A 144 18.00 34.67 9.84
CA GLY A 144 17.98 35.25 8.51
C GLY A 144 16.91 34.60 7.67
N ILE A 145 17.31 33.82 6.67
CA ILE A 145 16.39 33.02 5.87
C ILE A 145 16.56 31.53 6.15
N THR A 146 17.28 31.18 7.21
CA THR A 146 17.61 29.79 7.54
C THR A 146 16.64 29.31 8.61
N ALA A 147 15.73 28.41 8.24
CA ALA A 147 14.75 27.91 9.19
C ALA A 147 15.44 27.05 10.25
N LYS A 148 14.97 27.16 11.49
CA LYS A 148 15.52 26.43 12.63
C LYS A 148 14.55 25.31 12.99
N ILE A 149 14.98 24.07 12.75
CA ILE A 149 14.13 22.89 12.89
C ILE A 149 14.66 22.05 14.05
N SER A 150 13.75 21.40 14.76
CA SER A 150 14.12 20.45 15.79
C SER A 150 13.72 19.04 15.36
N TYR A 151 14.46 18.06 15.87
CA TYR A 151 14.14 16.64 15.72
C TYR A 151 14.11 16.06 17.13
N LYS A 152 12.94 15.58 17.54
CA LYS A 152 12.74 15.22 18.94
C LYS A 152 11.58 14.27 19.06
N SER A 153 11.69 13.32 19.98
CA SER A 153 10.59 12.47 20.39
C SER A 153 10.13 12.87 21.77
N THR A 154 8.80 12.90 21.96
CA THR A 154 8.22 13.20 23.28
C THR A 154 7.31 12.06 23.73
N ASP A 158 6.85 9.21 18.82
CA ASP A 158 7.85 9.04 17.75
C ASP A 158 8.64 10.33 17.55
N HIS A 159 9.88 10.22 17.08
CA HIS A 159 10.68 11.41 16.77
C HIS A 159 10.03 12.17 15.62
N GLU A 160 9.84 13.47 15.81
CA GLU A 160 9.11 14.30 14.88
C GLU A 160 9.88 15.60 14.68
N LEU A 161 9.59 16.26 13.57
CA LEU A 161 10.13 17.60 13.40
C LEU A 161 9.23 18.63 14.10
N GLY A 162 9.81 19.80 14.31
CA GLY A 162 9.11 20.93 14.87
C GLY A 162 9.95 22.17 14.63
N PHE A 163 9.38 23.31 14.98
CA PHE A 163 10.08 24.57 14.86
C PHE A 163 10.74 24.93 16.18
N THR A 164 11.87 25.61 16.11
CA THR A 164 12.60 25.92 17.33
C THR A 164 13.31 27.25 17.20
N THR A 165 13.53 27.90 18.34
CA THR A 165 14.37 29.09 18.37
C THR A 165 15.84 28.74 18.58
N SER A 166 16.15 27.48 18.88
CA SER A 166 17.53 27.07 19.12
C SER A 166 18.29 26.94 17.81
N ALA A 167 19.55 27.36 17.84
CA ALA A 167 20.44 27.18 16.70
C ALA A 167 20.66 25.69 16.43
N GLY A 168 20.82 25.35 15.15
CA GLY A 168 21.00 23.96 14.77
C GLY A 168 22.22 23.73 13.92
N LYS A 169 22.38 22.52 13.39
CA LYS A 169 23.52 22.19 12.54
C LYS A 169 23.06 21.98 11.11
N GLN A 170 24.01 22.07 10.19
CA GLN A 170 23.73 21.90 8.77
C GLN A 170 24.50 20.70 8.23
N GLN A 171 24.01 20.18 7.11
CA GLN A 171 24.50 18.95 6.53
C GLN A 171 24.79 19.17 5.05
N PRO A 172 25.66 18.37 4.45
CA PRO A 172 25.81 18.40 2.99
C PRO A 172 24.49 18.06 2.31
N LEU A 173 24.08 18.91 1.37
CA LEU A 173 22.81 18.79 0.66
C LEU A 173 23.01 18.15 -0.72
N ILE A 174 22.32 17.04 -0.98
CA ILE A 174 22.17 16.53 -2.35
C ILE A 174 20.69 16.60 -2.71
N GLN A 175 20.39 17.22 -3.84
CA GLN A 175 19.02 17.46 -4.24
C GLN A 175 18.51 16.35 -5.14
N TRP A 176 17.20 16.09 -5.06
CA TRP A 176 16.56 15.15 -5.99
C TRP A 176 16.96 15.48 -7.42
N GLU A 177 17.02 16.77 -7.75
CA GLU A 177 17.36 17.24 -9.07
C GLU A 177 18.81 16.99 -9.44
N GLN A 178 19.67 16.67 -8.47
CA GLN A 178 21.09 16.43 -8.73
C GLN A 178 21.47 14.96 -8.64
N MET A 179 20.53 14.08 -8.26
CA MET A 179 20.84 12.68 -8.08
C MET A 179 20.94 11.96 -9.42
N THR A 180 21.58 10.79 -9.39
CA THR A 180 21.52 9.90 -10.52
C THR A 180 20.11 9.33 -10.66
N GLN A 181 19.81 8.85 -11.86
CA GLN A 181 18.53 8.19 -12.07
C GLN A 181 18.41 6.95 -11.19
N ALA A 182 19.52 6.23 -11.00
CA ALA A 182 19.48 5.04 -10.16
C ALA A 182 19.09 5.37 -8.74
N ALA A 183 19.59 6.50 -8.20
CA ALA A 183 19.22 6.93 -6.85
C ALA A 183 17.76 7.33 -6.79
N ARG A 184 17.28 8.09 -7.78
CA ARG A 184 15.85 8.44 -7.81
C ARG A 184 14.98 7.19 -7.92
N ASP A 185 15.35 6.26 -8.81
CA ASP A 185 14.57 5.02 -8.96
C ASP A 185 14.53 4.24 -7.64
N ALA A 186 15.68 4.15 -6.96
CA ALA A 186 15.75 3.42 -5.70
C ALA A 186 14.89 4.07 -4.63
N LEU A 187 14.91 5.40 -4.54
CA LEU A 187 14.08 6.10 -3.57
C LEU A 187 12.60 5.93 -3.89
N GLU A 188 12.25 5.83 -5.16
CA GLU A 188 10.86 5.65 -5.57
C GLU A 188 10.33 4.27 -5.18
N SER A 189 11.16 3.25 -5.33
CA SER A 189 10.70 1.86 -5.28
C SER A 189 10.99 1.15 -3.96
N THR A 190 11.92 1.64 -3.15
CA THR A 190 12.38 0.90 -1.97
C THR A 190 11.33 0.94 -0.86
N ASP A 191 11.13 -0.20 -0.23
CA ASP A 191 10.24 -0.30 0.93
C ASP A 191 11.02 0.15 2.15
N PHE A 192 10.69 1.33 2.69
CA PHE A 192 11.26 1.79 3.95
C PHE A 192 10.35 1.46 5.13
N GLY A 193 9.41 0.53 4.94
CA GLY A 193 8.62 0.02 6.05
C GLY A 193 7.63 1.03 6.61
N ASN A 194 7.79 1.38 7.89
CA ASN A 194 6.92 2.39 8.50
C ASN A 194 7.24 3.81 8.05
N ALA A 195 8.41 4.04 7.46
CA ALA A 195 8.84 5.34 6.96
C ALA A 195 8.57 5.46 5.46
N ASN A 196 8.36 6.68 4.99
CA ASN A 196 8.10 6.92 3.58
C ASN A 196 8.92 8.11 3.08
N VAL A 197 9.64 7.88 1.97
CA VAL A 197 10.32 8.97 1.26
C VAL A 197 9.25 10.00 0.92
N PRO A 198 9.39 11.25 1.36
CA PRO A 198 8.34 12.26 1.09
C PRO A 198 8.53 13.09 -0.17
N PHE A 199 9.58 12.85 -0.94
CA PHE A 199 9.84 13.64 -2.14
C PHE A 199 9.96 12.77 -3.38
N LYS A 200 9.32 11.59 -3.38
CA LYS A 200 9.30 10.77 -4.57
C LYS A 200 8.04 11.08 -5.37
N SER A 201 7.41 10.07 -5.99
CA SER A 201 6.24 10.39 -6.81
C SER A 201 5.09 10.95 -5.99
N ASN A 202 5.20 10.92 -4.66
CA ASN A 202 4.22 11.50 -3.75
C ASN A 202 4.50 12.97 -3.45
N PHE A 203 5.49 13.57 -4.11
CA PHE A 203 5.94 14.92 -3.76
C PHE A 203 4.80 15.94 -3.80
N GLN A 204 4.05 15.98 -4.91
CA GLN A 204 2.93 16.92 -5.01
C GLN A 204 1.85 16.62 -3.98
N ASP A 205 1.56 15.35 -3.73
CA ASP A 205 0.59 14.99 -2.71
C ASP A 205 1.03 15.48 -1.33
N LYS A 206 2.33 15.38 -1.04
CA LYS A 206 2.82 15.87 0.25
C LYS A 206 2.72 17.39 0.34
N LEU A 207 3.00 18.10 -0.76
CA LEU A 207 2.85 19.55 -0.76
C LEU A 207 1.41 19.96 -0.46
N VAL A 208 0.44 19.21 -0.98
CA VAL A 208 -0.95 19.48 -0.66
C VAL A 208 -1.19 19.37 0.85
N LYS A 209 -0.67 18.30 1.45
CA LYS A 209 -0.82 18.11 2.89
C LYS A 209 -0.06 19.16 3.67
N ALA A 210 1.07 19.62 3.15
CA ALA A 210 1.85 20.64 3.84
C ALA A 210 1.31 22.05 3.62
N PHE A 211 0.41 22.25 2.66
CA PHE A 211 0.02 23.61 2.29
C PHE A 211 -0.65 24.30 3.46
N PHE A 212 -0.41 25.61 3.56
CA PHE A 212 -0.75 26.38 4.74
C PHE A 212 -2.11 27.07 4.65
N GLN A 213 -2.81 26.92 3.53
CA GLN A 213 -4.08 27.60 3.28
C GLN A 213 -3.96 29.12 3.42
N ALA B 1 0.19 -18.96 -37.64
CA ALA B 1 -1.08 -18.57 -38.25
C ALA B 1 -2.05 -17.95 -37.25
N VAL B 2 -3.34 -17.95 -37.56
CA VAL B 2 -4.34 -17.34 -36.70
C VAL B 2 -4.74 -18.32 -35.60
N ILE B 3 -4.75 -17.86 -34.34
CA ILE B 3 -5.19 -18.69 -33.23
C ILE B 3 -6.28 -17.96 -32.46
N ASN B 4 -6.99 -18.70 -31.60
CA ASN B 4 -8.07 -18.12 -30.82
C ASN B 4 -7.61 -16.89 -30.06
N HIS B 5 -8.44 -15.85 -30.05
CA HIS B 5 -8.06 -14.59 -29.41
C HIS B 5 -7.65 -14.79 -27.96
N ASP B 6 -8.32 -15.70 -27.25
CA ASP B 6 -8.06 -15.88 -25.83
C ASP B 6 -6.97 -16.92 -25.58
N ALA B 7 -6.37 -17.44 -26.65
CA ALA B 7 -5.28 -18.40 -26.54
C ALA B 7 -3.92 -17.78 -26.80
N VAL B 8 -3.86 -16.53 -27.26
CA VAL B 8 -2.57 -15.87 -27.47
C VAL B 8 -2.00 -15.59 -26.09
N PRO B 9 -0.82 -16.11 -25.75
CA PRO B 9 -0.26 -15.84 -24.42
C PRO B 9 0.15 -14.39 -24.29
N VAL B 10 0.02 -13.84 -23.08
CA VAL B 10 0.61 -12.54 -22.80
C VAL B 10 2.12 -12.67 -22.86
N TRP B 11 2.75 -11.82 -23.65
CA TRP B 11 4.21 -11.79 -23.75
C TRP B 11 4.75 -11.05 -22.54
N PRO B 12 5.53 -11.71 -21.67
CA PRO B 12 5.99 -11.05 -20.44
C PRO B 12 6.91 -9.88 -20.77
N GLN B 13 6.80 -8.82 -19.97
CA GLN B 13 7.65 -7.65 -20.14
C GLN B 13 9.07 -8.00 -19.73
N PRO B 14 10.03 -7.97 -20.63
CA PRO B 14 11.41 -8.30 -20.25
C PRO B 14 12.07 -7.11 -19.59
N GLU B 15 13.28 -7.34 -19.06
CA GLU B 15 14.09 -6.20 -18.65
C GLU B 15 14.55 -5.41 -19.88
N PRO B 16 14.68 -4.08 -19.77
CA PRO B 16 15.11 -3.26 -20.91
C PRO B 16 16.61 -3.42 -21.17
N ALA B 17 16.97 -3.81 -22.39
CA ALA B 17 18.35 -4.16 -22.73
C ALA B 17 19.19 -2.98 -23.15
N ASP B 18 18.57 -1.81 -23.36
CA ASP B 18 19.29 -0.61 -23.78
C ASP B 18 18.42 0.60 -23.46
N ALA B 19 18.91 1.79 -23.84
CA ALA B 19 18.24 3.01 -23.43
C ALA B 19 16.91 3.21 -24.15
N THR B 20 16.83 2.79 -25.43
CA THR B 20 15.57 2.75 -26.15
C THR B 20 14.50 2.02 -25.36
N GLN B 21 14.81 0.78 -24.97
CA GLN B 21 13.83 -0.04 -24.28
C GLN B 21 13.53 0.50 -22.88
N ALA B 22 14.56 1.05 -22.21
CA ALA B 22 14.34 1.64 -20.89
C ALA B 22 13.42 2.85 -20.96
N LEU B 23 13.62 3.71 -21.96
CA LEU B 23 12.75 4.87 -22.13
C LEU B 23 11.32 4.45 -22.39
N ALA B 24 11.11 3.42 -23.21
CA ALA B 24 9.75 3.00 -23.50
C ALA B 24 9.06 2.45 -22.26
N VAL B 25 9.80 1.76 -21.39
CA VAL B 25 9.22 1.34 -20.12
C VAL B 25 8.88 2.57 -19.28
N ARG B 26 9.80 3.53 -19.22
CA ARG B 26 9.61 4.68 -18.34
C ARG B 26 8.36 5.48 -18.70
N PHE B 27 8.10 5.69 -20.00
CA PHE B 27 6.97 6.50 -20.44
C PHE B 27 5.71 5.68 -20.72
N LYS B 28 5.64 4.44 -20.24
CA LYS B 28 4.47 3.61 -20.48
C LYS B 28 3.20 4.33 -20.03
N PRO B 29 2.21 4.50 -20.89
CA PRO B 29 1.01 5.25 -20.52
C PRO B 29 0.03 4.44 -19.69
N GLN B 30 -0.99 5.15 -19.22
CA GLN B 30 -2.17 4.55 -18.59
C GLN B 30 -3.31 4.56 -19.59
N LEU B 31 -4.12 3.50 -19.57
CA LEU B 31 -5.27 3.39 -20.47
C LEU B 31 -6.55 3.21 -19.66
N ASP B 32 -7.52 4.08 -19.89
CA ASP B 32 -8.84 3.98 -19.26
C ASP B 32 -9.82 3.44 -20.30
N VAL B 33 -10.14 2.15 -20.19
CA VAL B 33 -11.07 1.52 -21.13
C VAL B 33 -12.48 1.89 -20.67
N VAL B 34 -13.10 2.84 -21.38
CA VAL B 34 -14.42 3.34 -20.99
C VAL B 34 -15.50 2.36 -21.43
N ASN B 35 -15.45 1.93 -22.70
CA ASN B 35 -16.33 0.87 -23.17
C ASN B 35 -15.56 0.07 -24.21
N GLY B 36 -16.19 -1.01 -24.71
CA GLY B 36 -15.52 -1.91 -25.63
C GLY B 36 -14.59 -2.89 -24.93
N CYS B 37 -13.71 -3.49 -25.74
CA CYS B 37 -12.81 -4.55 -25.29
C CYS B 37 -11.64 -4.01 -24.48
N GLN B 38 -11.17 -4.82 -23.54
CA GLN B 38 -9.85 -4.65 -22.96
C GLN B 38 -8.80 -4.97 -24.02
N PRO B 39 -7.59 -4.42 -23.88
CA PRO B 39 -6.49 -4.80 -24.77
C PRO B 39 -6.10 -6.27 -24.56
N TYR B 40 -5.78 -6.94 -25.66
CA TYR B 40 -5.43 -8.35 -25.70
C TYR B 40 -4.10 -8.51 -26.43
N PRO B 41 -3.47 -9.68 -26.31
CA PRO B 41 -2.24 -9.93 -27.08
C PRO B 41 -2.59 -10.24 -28.52
N ALA B 42 -1.86 -9.63 -29.46
CA ALA B 42 -2.11 -9.82 -30.88
C ALA B 42 -1.21 -10.87 -31.53
N VAL B 43 -0.07 -11.18 -30.91
CA VAL B 43 0.95 -12.00 -31.55
C VAL B 43 1.74 -12.74 -30.50
N ASP B 44 2.27 -13.90 -30.88
CA ASP B 44 3.11 -14.66 -29.94
C ASP B 44 4.51 -14.81 -30.55
N PRO B 45 5.49 -15.34 -29.81
CA PRO B 45 6.86 -15.31 -30.34
C PRO B 45 7.08 -16.18 -31.56
N GLN B 46 6.19 -17.13 -31.83
CA GLN B 46 6.27 -17.94 -33.04
C GLN B 46 5.58 -17.28 -34.23
N GLY B 47 4.98 -16.11 -34.05
CA GLY B 47 4.34 -15.40 -35.14
C GLY B 47 2.87 -15.74 -35.34
N ASN B 48 2.28 -16.55 -34.47
CA ASN B 48 0.84 -16.71 -34.51
C ASN B 48 0.17 -15.41 -34.11
N THR B 49 -0.97 -15.13 -34.73
CA THR B 49 -1.69 -13.89 -34.47
C THR B 49 -3.11 -14.17 -34.00
N SER B 50 -3.70 -13.16 -33.34
CA SER B 50 -5.04 -13.31 -32.80
C SER B 50 -6.08 -13.34 -33.92
N GLY B 51 -7.00 -14.28 -33.81
CA GLY B 51 -8.12 -14.31 -34.74
C GLY B 51 -9.19 -13.28 -34.49
N GLY B 52 -9.05 -12.50 -33.41
CA GLY B 52 -10.07 -11.51 -33.10
C GLY B 52 -11.43 -12.10 -32.75
N LEU B 53 -12.43 -11.24 -32.85
CA LEU B 53 -13.81 -11.62 -32.58
C LEU B 53 -14.71 -11.11 -33.71
N LYS B 54 -15.70 -11.91 -34.06
CA LYS B 54 -16.72 -11.47 -35.01
C LYS B 54 -17.61 -10.42 -34.34
N PRO B 55 -17.89 -9.30 -35.00
CA PRO B 55 -18.68 -8.25 -34.35
C PRO B 55 -20.16 -8.56 -34.21
N SER B 56 -20.54 -9.83 -34.37
CA SER B 56 -21.92 -10.23 -34.14
C SER B 56 -22.23 -10.45 -32.66
N GLY B 57 -21.23 -10.42 -31.78
CA GLY B 57 -21.43 -10.62 -30.37
C GLY B 57 -21.57 -9.35 -29.56
N GLN B 59 -21.75 -8.16 -26.49
CA GLN B 59 -20.96 -6.96 -26.17
C GLN B 59 -19.51 -7.33 -25.94
N ALA B 60 -18.99 -7.09 -24.73
CA ALA B 60 -17.58 -7.30 -24.45
C ALA B 60 -17.30 -8.53 -23.60
N ALA B 61 -18.28 -9.45 -23.45
CA ALA B 61 -18.08 -10.59 -22.56
C ALA B 61 -16.90 -11.45 -22.99
N ALA B 62 -16.63 -11.55 -24.30
CA ALA B 62 -15.51 -12.33 -24.82
C ALA B 62 -14.18 -11.56 -24.83
N CYS B 63 -14.16 -10.28 -24.47
CA CYS B 63 -12.91 -9.54 -24.54
C CYS B 63 -12.73 -8.62 -23.34
N ARG B 64 -13.15 -9.10 -22.16
CA ARG B 64 -13.06 -8.29 -20.95
C ARG B 64 -12.13 -8.89 -19.90
N ASP B 65 -11.36 -9.91 -20.25
CA ASP B 65 -10.51 -10.60 -19.28
C ASP B 65 -9.25 -9.78 -19.06
N MET B 66 -9.11 -9.18 -17.86
CA MET B 66 -8.00 -8.30 -17.55
C MET B 66 -6.66 -9.02 -17.49
N SER B 67 -6.67 -10.33 -17.28
CA SER B 67 -5.42 -11.08 -17.25
C SER B 67 -4.75 -11.14 -18.61
N LYS B 68 -5.47 -10.80 -19.68
CA LYS B 68 -4.97 -10.84 -21.04
C LYS B 68 -4.28 -9.54 -21.45
N ALA B 69 -4.13 -8.59 -20.52
CA ALA B 69 -3.64 -7.25 -20.85
C ALA B 69 -2.26 -7.29 -21.47
N GLN B 70 -2.07 -6.46 -22.50
CA GLN B 70 -0.81 -6.33 -23.21
C GLN B 70 -0.79 -4.94 -23.83
N VAL B 71 0.39 -4.34 -23.90
CA VAL B 71 0.60 -3.12 -24.67
C VAL B 71 1.88 -3.28 -25.47
N TYR B 72 1.94 -2.61 -26.62
CA TYR B 72 3.09 -2.65 -27.53
C TYR B 72 3.72 -1.26 -27.63
N SER B 73 4.99 -1.21 -28.01
CA SER B 73 5.58 0.06 -28.37
C SER B 73 6.62 -0.11 -29.47
N ARG B 74 6.84 0.96 -30.21
CA ARG B 74 7.98 1.08 -31.11
C ARG B 74 8.51 2.50 -30.98
N SER B 75 9.82 2.66 -31.05
CA SER B 75 10.48 3.95 -30.83
C SER B 75 11.24 4.39 -32.07
N GLY B 76 11.29 5.70 -32.29
CA GLY B 76 11.99 6.22 -33.45
C GLY B 76 12.09 7.72 -33.36
N THR B 77 12.56 8.35 -34.46
CA THR B 77 12.72 9.79 -34.47
C THR B 77 12.04 10.38 -35.70
N TYR B 78 11.63 11.63 -35.59
CA TYR B 78 11.06 12.34 -36.72
C TYR B 78 11.32 13.84 -36.57
N ASN B 79 11.89 14.44 -37.60
CA ASN B 79 12.04 15.90 -37.67
C ASN B 79 12.82 16.45 -36.46
N GLY B 80 13.74 15.66 -35.92
CA GLY B 80 14.52 16.06 -34.77
C GLY B 80 13.95 15.63 -33.43
N TYR B 81 12.69 15.24 -33.38
CA TYR B 81 12.03 14.83 -32.15
C TYR B 81 12.08 13.32 -32.01
N TYR B 82 12.00 12.87 -30.75
CA TYR B 82 12.07 11.45 -30.41
C TYR B 82 10.66 10.96 -30.08
N ALA B 83 10.23 9.89 -30.73
CA ALA B 83 8.85 9.43 -30.63
C ALA B 83 8.77 8.03 -30.04
N ILE B 84 7.87 7.84 -29.07
CA ILE B 84 7.56 6.50 -28.57
C ILE B 84 6.09 6.27 -28.88
N MET B 85 5.81 5.32 -29.76
CA MET B 85 4.45 4.96 -30.11
C MET B 85 4.03 3.77 -29.25
N TYR B 86 2.95 3.93 -28.49
CA TYR B 86 2.36 2.83 -27.73
C TYR B 86 1.09 2.39 -28.44
N SER B 87 0.89 1.09 -28.56
CA SER B 87 -0.21 0.56 -29.37
C SER B 87 -0.91 -0.54 -28.60
N TRP B 88 -2.24 -0.57 -28.72
CA TRP B 88 -3.08 -1.61 -28.13
C TRP B 88 -3.85 -2.32 -29.23
N TYR B 89 -3.98 -3.63 -29.07
CA TYR B 89 -4.82 -4.47 -29.93
C TYR B 89 -6.06 -4.86 -29.16
N MET B 90 -7.24 -4.68 -29.77
CA MET B 90 -8.46 -5.24 -29.20
C MET B 90 -9.05 -6.27 -30.14
N PRO B 91 -9.67 -7.34 -29.64
CA PRO B 91 -10.16 -8.40 -30.55
C PRO B 91 -11.21 -7.92 -31.52
N LYS B 92 -11.93 -6.85 -31.20
CA LYS B 92 -12.93 -6.31 -32.10
C LYS B 92 -13.17 -4.85 -31.74
N ASP B 93 -13.81 -4.14 -32.67
CA ASP B 93 -14.21 -2.75 -32.53
C ASP B 93 -15.67 -2.73 -32.99
N SER B 94 -16.61 -2.88 -32.06
CA SER B 94 -18.02 -3.07 -32.39
C SER B 94 -18.86 -2.12 -31.56
N PRO B 95 -19.21 -0.95 -32.08
CA PRO B 95 -20.00 0.01 -31.27
C PRO B 95 -21.32 -0.56 -30.76
N SER B 96 -21.98 -1.38 -31.56
CA SER B 96 -23.16 -2.12 -31.13
C SER B 96 -23.27 -3.36 -32.00
N THR B 97 -24.29 -4.18 -31.74
CA THR B 97 -24.42 -5.41 -32.50
C THR B 97 -24.64 -5.10 -33.97
N GLY B 98 -23.96 -5.85 -34.83
CA GLY B 98 -24.08 -5.67 -36.26
C GLY B 98 -23.37 -4.48 -36.85
N ILE B 99 -22.65 -3.70 -36.04
CA ILE B 99 -21.83 -2.61 -36.54
C ILE B 99 -20.42 -2.78 -35.99
N GLY B 100 -19.44 -2.45 -36.79
CA GLY B 100 -18.05 -2.61 -36.42
C GLY B 100 -17.40 -3.78 -37.13
N HIS B 101 -16.24 -4.17 -36.63
CA HIS B 101 -15.44 -5.13 -37.37
C HIS B 101 -14.53 -5.90 -36.43
N ARG B 102 -14.11 -7.06 -36.94
CA ARG B 102 -13.08 -7.85 -36.28
C ARG B 102 -11.78 -7.06 -36.24
N HIS B 103 -11.05 -7.20 -35.13
CA HIS B 103 -9.76 -6.54 -34.85
C HIS B 103 -9.89 -5.05 -34.57
N ASP B 104 -8.99 -4.53 -33.73
CA ASP B 104 -8.84 -3.10 -33.54
C ASP B 104 -7.38 -2.84 -33.18
N TRP B 105 -6.80 -1.83 -33.83
CA TRP B 105 -5.45 -1.37 -33.51
C TRP B 105 -5.51 0.13 -33.28
N GLU B 106 -5.00 0.58 -32.13
CA GLU B 106 -4.97 2.00 -31.81
C GLU B 106 -3.59 2.34 -31.25
N ASN B 107 -3.20 3.61 -31.33
CA ASN B 107 -1.88 3.97 -30.84
C ASN B 107 -1.85 5.42 -30.37
N VAL B 108 -1.01 5.69 -29.37
CA VAL B 108 -0.66 7.04 -28.93
C VAL B 108 0.84 7.23 -29.15
N VAL B 109 1.24 8.43 -29.57
CA VAL B 109 2.64 8.78 -29.68
C VAL B 109 2.97 9.78 -28.57
N VAL B 110 3.97 9.44 -27.76
CA VAL B 110 4.55 10.38 -26.81
C VAL B 110 5.77 11.00 -27.48
N TRP B 111 5.75 12.32 -27.63
CA TRP B 111 6.80 13.07 -28.32
C TRP B 111 7.73 13.70 -27.28
N LEU B 112 9.02 13.42 -27.40
CA LEU B 112 10.03 14.02 -26.55
C LEU B 112 10.92 14.95 -27.36
N ASP B 113 11.47 15.99 -26.71
CA ASP B 113 12.37 16.88 -27.42
C ASP B 113 13.58 16.11 -27.94
N ASN B 114 14.20 15.30 -27.08
CA ASN B 114 15.14 14.27 -27.54
C ASN B 114 15.18 13.19 -26.46
N ALA B 115 15.91 12.11 -26.76
CA ALA B 115 15.89 10.95 -25.87
C ALA B 115 16.73 11.16 -24.61
N ALA B 116 17.58 12.18 -24.57
CA ALA B 116 18.35 12.44 -23.36
C ALA B 116 17.60 13.40 -22.43
N SER B 117 17.23 14.58 -22.93
CA SER B 117 16.42 15.49 -22.13
C SER B 117 15.09 14.86 -21.72
N ALA B 118 14.47 14.13 -22.66
CA ALA B 118 13.24 13.36 -22.42
C ALA B 118 12.13 14.21 -21.80
N ASN B 119 11.97 15.44 -22.28
CA ASN B 119 10.82 16.26 -21.91
C ASN B 119 9.68 16.00 -22.89
N ILE B 120 8.50 15.70 -22.36
CA ILE B 120 7.33 15.51 -23.20
C ILE B 120 6.93 16.85 -23.82
N VAL B 121 6.91 16.91 -25.15
CA VAL B 121 6.52 18.15 -25.83
C VAL B 121 5.09 18.07 -26.35
N ALA B 122 4.61 16.86 -26.63
CA ALA B 122 3.27 16.69 -27.19
C ALA B 122 2.83 15.24 -27.07
N LEU B 123 1.52 15.04 -27.21
CA LEU B 123 0.90 13.71 -27.29
C LEU B 123 0.04 13.66 -28.53
N SER B 124 0.00 12.49 -29.17
CA SER B 124 -0.88 12.28 -30.32
C SER B 124 -1.64 10.98 -30.10
N ALA B 125 -2.96 11.00 -30.28
CA ALA B 125 -3.79 9.82 -30.02
C ALA B 125 -4.64 9.50 -31.24
N SER B 126 -4.65 8.23 -31.63
CA SER B 126 -5.32 7.83 -32.87
C SER B 126 -6.85 7.95 -32.78
N ALA B 127 -7.45 8.49 -33.85
CA ALA B 127 -8.89 8.59 -33.94
C ALA B 127 -9.32 8.42 -35.40
N HIS B 128 -10.64 8.42 -35.64
CA HIS B 128 -11.15 8.06 -36.95
C HIS B 128 -10.78 9.10 -38.00
N SER B 129 -10.75 10.38 -37.64
CA SER B 129 -10.42 11.44 -38.58
C SER B 129 -8.93 11.68 -38.69
N GLY B 130 -8.11 10.97 -37.90
CA GLY B 130 -6.70 11.18 -37.76
C GLY B 130 -6.35 11.37 -36.30
N TYR B 131 -5.10 11.78 -36.04
CA TYR B 131 -4.63 11.89 -34.67
C TYR B 131 -5.21 13.13 -33.98
N LYS B 132 -5.71 12.94 -32.76
CA LYS B 132 -5.90 14.05 -31.84
C LYS B 132 -4.54 14.44 -31.26
N LYS B 133 -4.32 15.75 -31.09
CA LYS B 133 -3.01 16.26 -30.69
C LYS B 133 -3.16 17.16 -29.48
N SER B 134 -2.30 16.94 -28.48
CA SER B 134 -2.21 17.79 -27.29
C SER B 134 -0.84 18.44 -27.31
N PHE B 135 -0.78 19.71 -27.72
CA PHE B 135 0.48 20.40 -27.92
C PHE B 135 0.37 21.83 -27.37
N PRO B 136 1.09 22.17 -26.29
CA PRO B 136 1.95 21.26 -25.53
C PRO B 136 1.15 20.22 -24.78
N ALA B 137 1.81 19.18 -24.27
CA ALA B 137 1.07 18.12 -23.59
C ALA B 137 0.36 18.69 -22.37
N ASP B 138 -0.96 18.63 -22.39
CA ASP B 138 -1.74 19.23 -21.32
C ASP B 138 -1.45 18.52 -20.00
N LYS B 139 -1.03 19.29 -18.99
CA LYS B 139 -0.63 18.71 -17.71
C LYS B 139 -1.76 17.92 -17.05
N SER B 140 -3.02 18.21 -17.38
CA SER B 140 -4.10 17.43 -16.79
C SER B 140 -4.22 16.05 -17.43
N TYR B 141 -3.49 15.79 -18.50
CA TYR B 141 -3.43 14.49 -19.14
C TYR B 141 -2.20 13.70 -18.73
N LEU B 142 -1.39 14.22 -17.80
CA LEU B 142 -0.15 13.56 -17.38
C LEU B 142 -0.21 13.26 -15.89
N ASP B 143 0.10 12.01 -15.55
CA ASP B 143 0.36 11.59 -14.17
C ASP B 143 1.87 11.49 -14.07
N GLY B 144 2.51 12.61 -13.76
CA GLY B 144 3.96 12.69 -13.82
C GLY B 144 4.43 12.77 -15.27
N ILE B 145 5.09 11.71 -15.73
CA ILE B 145 5.39 11.55 -17.15
C ILE B 145 4.53 10.47 -17.78
N THR B 146 3.49 10.00 -17.08
CA THR B 146 2.63 8.92 -17.56
C THR B 146 1.39 9.53 -18.21
N ALA B 147 1.27 9.39 -19.52
CA ALA B 147 0.11 9.96 -20.22
C ALA B 147 -1.15 9.17 -19.88
N LYS B 148 -2.26 9.89 -19.70
CA LYS B 148 -3.55 9.29 -19.36
C LYS B 148 -4.44 9.27 -20.61
N ILE B 149 -4.70 8.05 -21.11
CA ILE B 149 -5.35 7.83 -22.39
C ILE B 149 -6.68 7.13 -22.13
N SER B 150 -7.69 7.46 -22.94
CA SER B 150 -8.97 6.78 -22.92
C SER B 150 -9.16 5.96 -24.19
N TYR B 151 -9.96 4.90 -24.07
CA TYR B 151 -10.40 4.10 -25.20
C TYR B 151 -11.92 4.04 -25.10
N LYS B 152 -12.59 4.56 -26.10
CA LYS B 152 -14.03 4.70 -26.03
C LYS B 152 -14.70 4.87 -27.37
N SER B 153 -15.87 4.31 -27.48
CA SER B 153 -16.73 4.51 -28.64
C SER B 153 -17.84 5.49 -28.27
N THR B 154 -18.00 6.54 -29.06
CA THR B 154 -19.16 7.42 -28.98
C THR B 154 -20.08 6.99 -30.13
N TRP B 155 -21.15 6.28 -29.79
CA TRP B 155 -21.99 5.66 -30.79
C TRP B 155 -22.43 6.67 -31.83
N PRO B 156 -22.41 6.33 -33.13
CA PRO B 156 -22.11 5.01 -33.72
C PRO B 156 -20.67 4.86 -34.22
N LEU B 157 -19.78 5.75 -33.78
CA LEU B 157 -18.40 5.75 -34.25
C LEU B 157 -17.60 4.62 -33.60
N ASP B 158 -16.55 4.21 -34.29
CA ASP B 158 -15.68 3.15 -33.80
C ASP B 158 -14.98 3.57 -32.50
N HIS B 159 -14.61 2.58 -31.69
CA HIS B 159 -13.82 2.83 -30.49
C HIS B 159 -12.47 3.42 -30.90
N GLU B 160 -12.10 4.54 -30.27
CA GLU B 160 -10.87 5.24 -30.60
C GLU B 160 -10.25 5.78 -29.32
N LEU B 161 -9.04 6.32 -29.46
CA LEU B 161 -8.34 6.86 -28.31
C LEU B 161 -8.65 8.34 -28.09
N GLY B 162 -8.40 8.80 -26.88
CA GLY B 162 -8.51 10.21 -26.56
C GLY B 162 -7.63 10.48 -25.37
N PHE B 163 -7.60 11.73 -24.95
CA PHE B 163 -6.91 12.10 -23.72
C PHE B 163 -7.92 12.26 -22.61
N THR B 164 -7.48 11.96 -21.38
CA THR B 164 -8.40 11.98 -20.26
C THR B 164 -7.66 12.40 -19.00
N THR B 165 -8.38 13.03 -18.07
CA THR B 165 -7.86 13.28 -16.74
C THR B 165 -8.01 12.08 -15.80
N SER B 166 -8.77 11.06 -16.20
CA SER B 166 -9.01 9.91 -15.34
C SER B 166 -7.78 9.02 -15.29
N ALA B 167 -7.53 8.48 -14.09
CA ALA B 167 -6.50 7.46 -13.93
C ALA B 167 -6.84 6.23 -14.74
N GLY B 168 -5.83 5.59 -15.31
CA GLY B 168 -6.07 4.40 -16.11
C GLY B 168 -5.27 3.22 -15.60
N LYS B 169 -5.27 2.12 -16.34
CA LYS B 169 -4.53 0.94 -15.95
C LYS B 169 -3.37 0.74 -16.90
N GLN B 170 -2.39 -0.05 -16.47
CA GLN B 170 -1.24 -0.36 -17.29
C GLN B 170 -1.19 -1.86 -17.59
N GLN B 171 -0.43 -2.20 -18.63
CA GLN B 171 -0.31 -3.52 -19.20
C GLN B 171 1.15 -3.89 -19.34
N PRO B 172 1.46 -5.19 -19.31
CA PRO B 172 2.83 -5.63 -19.65
C PRO B 172 3.20 -5.19 -21.06
N LEU B 173 4.34 -4.53 -21.19
CA LEU B 173 4.79 -3.98 -22.46
C LEU B 173 5.78 -4.92 -23.13
N ILE B 174 5.51 -5.28 -24.39
CA ILE B 174 6.52 -5.92 -25.22
C ILE B 174 6.78 -5.00 -26.42
N GLN B 175 8.04 -4.67 -26.63
CA GLN B 175 8.41 -3.68 -27.63
C GLN B 175 8.77 -4.38 -28.94
N TRP B 176 8.43 -3.71 -30.05
CA TRP B 176 8.84 -4.13 -31.39
C TRP B 176 10.30 -4.51 -31.40
N GLU B 177 11.14 -3.70 -30.75
CA GLU B 177 12.57 -3.94 -30.67
C GLU B 177 12.92 -5.18 -29.85
N GLN B 178 12.00 -5.68 -29.03
CA GLN B 178 12.25 -6.86 -28.21
C GLN B 178 11.60 -8.12 -28.76
N MET B 179 10.79 -8.01 -29.81
CA MET B 179 10.09 -9.17 -30.34
C MET B 179 11.05 -10.09 -31.09
N THR B 180 10.61 -11.33 -31.26
CA THR B 180 11.27 -12.22 -32.20
C THR B 180 11.06 -11.72 -33.63
N GLN B 181 11.93 -12.17 -34.53
CA GLN B 181 11.75 -11.84 -35.94
C GLN B 181 10.43 -12.38 -36.46
N ALA B 182 10.04 -13.58 -36.02
CA ALA B 182 8.78 -14.15 -36.48
C ALA B 182 7.59 -13.30 -36.07
N ALA B 183 7.64 -12.69 -34.88
CA ALA B 183 6.54 -11.81 -34.48
C ALA B 183 6.52 -10.53 -35.32
N ARG B 184 7.68 -9.91 -35.55
CA ARG B 184 7.72 -8.73 -36.40
C ARG B 184 7.27 -9.07 -37.82
N ASP B 185 7.72 -10.21 -38.34
CA ASP B 185 7.30 -10.67 -39.66
C ASP B 185 5.78 -10.83 -39.72
N ALA B 186 5.20 -11.47 -38.70
CA ALA B 186 3.75 -11.69 -38.68
C ALA B 186 2.98 -10.37 -38.56
N LEU B 187 3.47 -9.45 -37.73
CA LEU B 187 2.77 -8.17 -37.63
C LEU B 187 2.88 -7.36 -38.91
N GLU B 188 3.96 -7.53 -39.67
CA GLU B 188 4.10 -6.83 -40.95
C GLU B 188 3.15 -7.39 -42.00
N SER B 189 2.97 -8.70 -42.04
CA SER B 189 2.35 -9.37 -43.18
C SER B 189 0.92 -9.81 -42.94
N THR B 190 0.46 -9.87 -41.69
CA THR B 190 -0.87 -10.37 -41.40
C THR B 190 -1.94 -9.37 -41.82
N ASP B 191 -3.02 -9.89 -42.41
CA ASP B 191 -4.18 -9.08 -42.75
C ASP B 191 -5.09 -8.95 -41.52
N PHE B 192 -5.13 -7.77 -40.91
CA PHE B 192 -6.05 -7.51 -39.82
C PHE B 192 -7.33 -6.86 -40.31
N GLY B 193 -7.61 -6.94 -41.60
CA GLY B 193 -8.90 -6.52 -42.13
C GLY B 193 -9.06 -5.02 -42.12
N ASN B 194 -10.06 -4.53 -41.39
CA ASN B 194 -10.29 -3.10 -41.27
C ASN B 194 -9.30 -2.41 -40.34
N ALA B 195 -8.58 -3.17 -39.52
CA ALA B 195 -7.57 -2.62 -38.63
C ALA B 195 -6.19 -2.76 -39.23
N ASN B 196 -5.27 -1.90 -38.81
CA ASN B 196 -3.90 -1.90 -39.31
C ASN B 196 -2.91 -1.69 -38.18
N VAL B 197 -1.95 -2.60 -38.07
CA VAL B 197 -0.79 -2.45 -37.18
C VAL B 197 -0.17 -1.10 -37.49
N PRO B 198 0.00 -0.22 -36.51
CA PRO B 198 0.52 1.13 -36.82
C PRO B 198 2.03 1.30 -36.62
N PHE B 199 2.75 0.23 -36.25
CA PHE B 199 4.18 0.30 -35.98
C PHE B 199 4.95 -0.71 -36.82
N LYS B 200 4.39 -1.10 -37.97
CA LYS B 200 5.13 -1.99 -38.86
C LYS B 200 5.90 -1.12 -39.86
N SER B 201 5.98 -1.53 -41.13
CA SER B 201 6.74 -0.71 -42.08
C SER B 201 6.10 0.66 -42.32
N ASN B 202 4.87 0.89 -41.87
CA ASN B 202 4.22 2.19 -41.95
C ASN B 202 4.59 3.12 -40.79
N PHE B 203 5.49 2.69 -39.91
CA PHE B 203 5.77 3.42 -38.67
C PHE B 203 6.11 4.88 -38.94
N GLN B 204 7.09 5.12 -39.81
CA GLN B 204 7.52 6.49 -40.09
C GLN B 204 6.38 7.31 -40.71
N ASP B 205 5.58 6.70 -41.60
CA ASP B 205 4.43 7.39 -42.17
C ASP B 205 3.44 7.79 -41.08
N LYS B 206 3.21 6.90 -40.10
CA LYS B 206 2.33 7.24 -38.98
C LYS B 206 2.89 8.39 -38.16
N LEU B 207 4.21 8.40 -37.94
CA LEU B 207 4.84 9.50 -37.22
C LEU B 207 4.60 10.83 -37.93
N VAL B 208 4.70 10.85 -39.26
CA VAL B 208 4.40 12.08 -40.01
C VAL B 208 2.96 12.52 -39.74
N LYS B 209 2.02 11.58 -39.73
CA LYS B 209 0.63 11.94 -39.47
C LYS B 209 0.41 12.40 -38.03
N ALA B 210 1.17 11.83 -37.08
CA ALA B 210 1.00 12.17 -35.68
C ALA B 210 1.74 13.45 -35.28
N PHE B 211 2.62 13.96 -36.14
CA PHE B 211 3.45 15.10 -35.76
C PHE B 211 2.57 16.30 -35.43
N PHE B 212 3.07 17.14 -34.52
CA PHE B 212 2.26 18.11 -33.78
C PHE B 212 2.43 19.55 -34.22
N GLN B 213 3.40 19.87 -35.07
CA GLN B 213 3.58 21.25 -35.52
C GLN B 213 3.94 21.31 -37.01
N ALA C 1 -18.55 -9.61 -2.62
CA ALA C 1 -18.50 -8.87 -3.89
C ALA C 1 -18.97 -7.43 -3.76
N VAL C 2 -18.84 -6.68 -4.86
CA VAL C 2 -19.46 -5.36 -5.00
C VAL C 2 -20.88 -5.54 -5.51
N ILE C 3 -21.85 -4.88 -4.88
CA ILE C 3 -23.24 -4.89 -5.32
C ILE C 3 -23.70 -3.44 -5.49
N ASN C 4 -24.84 -3.29 -6.18
CA ASN C 4 -25.36 -1.97 -6.48
C ASN C 4 -25.58 -1.17 -5.20
N HIS C 5 -25.27 0.13 -5.27
CA HIS C 5 -25.31 0.98 -4.07
C HIS C 5 -26.69 0.97 -3.43
N ASP C 6 -27.74 0.96 -4.24
CA ASP C 6 -29.10 0.99 -3.71
C ASP C 6 -29.64 -0.40 -3.40
N ALA C 7 -28.85 -1.45 -3.64
CA ALA C 7 -29.27 -2.81 -3.30
C ALA C 7 -28.71 -3.29 -1.96
N VAL C 8 -27.79 -2.56 -1.36
CA VAL C 8 -27.26 -2.94 -0.05
C VAL C 8 -28.39 -2.73 0.96
N PRO C 9 -28.78 -3.76 1.70
CA PRO C 9 -29.86 -3.58 2.68
C PRO C 9 -29.37 -2.78 3.88
N VAL C 10 -30.30 -2.00 4.45
CA VAL C 10 -30.02 -1.36 5.73
C VAL C 10 -29.92 -2.42 6.81
N TRP C 11 -28.85 -2.36 7.58
CA TRP C 11 -28.66 -3.31 8.67
C TRP C 11 -29.48 -2.83 9.85
N PRO C 12 -30.45 -3.61 10.34
CA PRO C 12 -31.28 -3.14 11.45
C PRO C 12 -30.46 -2.94 12.72
N GLN C 13 -30.78 -1.90 13.46
CA GLN C 13 -30.12 -1.65 14.74
C GLN C 13 -30.55 -2.71 15.75
N PRO C 14 -29.65 -3.57 16.23
CA PRO C 14 -30.04 -4.58 17.21
C PRO C 14 -30.13 -3.94 18.59
N GLU C 15 -30.56 -4.73 19.57
CA GLU C 15 -30.44 -4.27 20.93
C GLU C 15 -28.99 -4.35 21.37
N PRO C 16 -28.55 -3.44 22.24
CA PRO C 16 -27.14 -3.45 22.68
C PRO C 16 -26.88 -4.58 23.66
N ALA C 17 -25.92 -5.45 23.31
CA ALA C 17 -25.69 -6.67 24.09
C ALA C 17 -24.79 -6.47 25.29
N ASP C 18 -24.14 -5.31 25.43
CA ASP C 18 -23.20 -5.07 26.52
C ASP C 18 -23.05 -3.56 26.68
N ALA C 19 -22.17 -3.15 27.60
CA ALA C 19 -22.07 -1.72 27.90
C ALA C 19 -21.42 -0.95 26.76
N THR C 20 -20.46 -1.58 26.08
CA THR C 20 -19.89 -0.95 24.89
C THR C 20 -20.99 -0.58 23.91
N GLN C 21 -21.84 -1.55 23.57
CA GLN C 21 -22.88 -1.30 22.58
C GLN C 21 -23.93 -0.33 23.11
N ALA C 22 -24.26 -0.40 24.40
CA ALA C 22 -25.26 0.52 24.94
C ALA C 22 -24.76 1.95 24.90
N LEU C 23 -23.49 2.16 25.24
CA LEU C 23 -22.90 3.50 25.20
C LEU C 23 -22.94 4.08 23.80
N ALA C 24 -22.63 3.28 22.78
CA ALA C 24 -22.64 3.78 21.42
C ALA C 24 -24.06 4.15 21.00
N VAL C 25 -25.07 3.38 21.43
CA VAL C 25 -26.44 3.78 21.15
C VAL C 25 -26.76 5.09 21.85
N ARG C 26 -26.37 5.22 23.12
CA ARG C 26 -26.74 6.40 23.90
C ARG C 26 -26.14 7.68 23.31
N PHE C 27 -24.91 7.62 22.85
CA PHE C 27 -24.25 8.81 22.32
C PHE C 27 -24.40 8.97 20.80
N LYS C 28 -25.32 8.24 20.17
CA LYS C 28 -25.47 8.37 18.71
C LYS C 28 -25.68 9.82 18.30
N PRO C 29 -24.88 10.35 17.38
CA PRO C 29 -25.00 11.77 17.00
C PRO C 29 -26.22 12.04 16.14
N GLN C 30 -26.47 13.33 15.92
CA GLN C 30 -27.35 13.81 14.86
C GLN C 30 -26.49 14.29 13.69
N LEU C 31 -26.98 14.06 12.47
CA LEU C 31 -26.27 14.48 11.26
C LEU C 31 -27.18 15.38 10.44
N ASP C 32 -26.72 16.58 10.14
CA ASP C 32 -27.41 17.53 9.28
C ASP C 32 -26.74 17.50 7.89
N VAL C 33 -27.34 16.78 6.95
CA VAL C 33 -26.79 16.70 5.59
C VAL C 33 -27.24 17.97 4.87
N VAL C 34 -26.30 18.89 4.67
CA VAL C 34 -26.65 20.19 4.09
C VAL C 34 -26.64 20.11 2.57
N ASN C 35 -25.69 19.39 1.99
CA ASN C 35 -25.69 19.06 0.58
C ASN C 35 -24.94 17.74 0.39
N GLY C 36 -24.88 17.26 -0.83
CA GLY C 36 -24.25 15.97 -1.07
C GLY C 36 -25.20 14.81 -0.80
N CYS C 37 -24.62 13.62 -0.77
CA CYS C 37 -25.40 12.41 -0.57
C CYS C 37 -25.85 12.25 0.87
N GLN C 38 -26.97 11.56 1.02
CA GLN C 38 -27.37 10.98 2.29
C GLN C 38 -26.47 9.78 2.63
N PRO C 39 -26.33 9.46 3.90
CA PRO C 39 -25.56 8.27 4.28
C PRO C 39 -26.28 7.01 3.81
N TYR C 40 -25.50 6.05 3.31
CA TYR C 40 -26.03 4.80 2.76
C TYR C 40 -25.39 3.59 3.44
N PRO C 41 -25.93 2.38 3.28
CA PRO C 41 -25.25 1.19 3.83
C PRO C 41 -24.09 0.77 2.93
N ALA C 42 -22.93 0.48 3.55
CA ALA C 42 -21.74 0.15 2.79
C ALA C 42 -21.47 -1.35 2.70
N VAL C 43 -22.12 -2.16 3.52
CA VAL C 43 -21.79 -3.58 3.61
C VAL C 43 -23.04 -4.33 4.07
N ASP C 44 -23.17 -5.56 3.63
CA ASP C 44 -24.24 -6.43 4.10
C ASP C 44 -23.66 -7.56 4.96
N PRO C 45 -24.50 -8.31 5.68
CA PRO C 45 -23.94 -9.31 6.61
C PRO C 45 -23.18 -10.42 5.94
N GLN C 46 -23.31 -10.59 4.62
CA GLN C 46 -22.54 -11.58 3.89
C GLN C 46 -21.21 -11.02 3.41
N GLY C 47 -20.92 -9.75 3.68
CA GLY C 47 -19.67 -9.16 3.25
C GLY C 47 -19.68 -8.55 1.87
N ASN C 48 -20.82 -8.47 1.20
CA ASN C 48 -20.88 -7.72 -0.05
C ASN C 48 -20.83 -6.22 0.28
N THR C 49 -20.23 -5.43 -0.60
CA THR C 49 -20.05 -4.02 -0.34
C THR C 49 -20.66 -3.16 -1.45
N SER C 50 -20.92 -1.90 -1.11
CA SER C 50 -21.53 -0.96 -2.04
C SER C 50 -20.58 -0.61 -3.17
N GLY C 51 -21.09 -0.61 -4.40
CA GLY C 51 -20.30 -0.13 -5.53
C GLY C 51 -20.26 1.37 -5.67
N GLY C 52 -20.98 2.11 -4.82
CA GLY C 52 -21.03 3.55 -4.87
C GLY C 52 -21.57 4.09 -6.19
N LEU C 53 -21.20 5.35 -6.47
CA LEU C 53 -21.63 6.07 -7.65
C LEU C 53 -20.44 6.74 -8.32
N LYS C 54 -20.48 6.80 -9.65
CA LYS C 54 -19.51 7.62 -10.38
C LYS C 54 -19.73 9.10 -10.06
N PRO C 55 -18.67 9.90 -10.00
CA PRO C 55 -18.84 11.31 -9.62
C PRO C 55 -19.46 12.17 -10.70
N SER C 56 -20.54 11.68 -11.31
CA SER C 56 -21.32 12.46 -12.26
C SER C 56 -22.65 12.88 -11.63
N ALA C 60 -27.54 14.83 -6.61
CA ALA C 60 -27.60 13.77 -5.61
C ALA C 60 -28.81 12.86 -5.77
N ALA C 61 -29.43 12.86 -6.96
CA ALA C 61 -30.70 12.15 -7.13
C ALA C 61 -30.55 10.64 -6.92
N ALA C 62 -29.35 10.10 -7.18
CA ALA C 62 -29.09 8.69 -6.98
C ALA C 62 -28.68 8.35 -5.54
N CYS C 63 -28.54 9.34 -4.66
CA CYS C 63 -28.04 9.05 -3.32
C CYS C 63 -28.74 9.90 -2.28
N ARG C 64 -30.04 10.15 -2.46
CA ARG C 64 -30.81 10.97 -1.54
C ARG C 64 -31.96 10.22 -0.87
N ASP C 65 -31.98 8.89 -0.95
CA ASP C 65 -33.10 8.11 -0.43
C ASP C 65 -32.94 7.95 1.08
N MET C 66 -33.84 8.62 1.83
CA MET C 66 -33.76 8.61 3.30
C MET C 66 -33.97 7.22 3.86
N SER C 67 -34.66 6.34 3.14
CA SER C 67 -34.90 5.00 3.66
C SER C 67 -33.62 4.16 3.70
N LYS C 68 -32.55 4.62 3.08
CA LYS C 68 -31.29 3.88 3.05
C LYS C 68 -30.38 4.25 4.21
N ALA C 69 -30.85 5.08 5.13
CA ALA C 69 -30.01 5.66 6.16
C ALA C 69 -29.34 4.57 7.01
N GLN C 70 -28.05 4.78 7.29
CA GLN C 70 -27.26 3.89 8.12
C GLN C 70 -26.15 4.72 8.73
N VAL C 71 -25.77 4.37 9.95
CA VAL C 71 -24.57 4.91 10.57
C VAL C 71 -23.82 3.76 11.22
N TYR C 72 -22.50 3.91 11.33
CA TYR C 72 -21.62 2.90 11.91
C TYR C 72 -20.94 3.45 13.16
N SER C 73 -20.48 2.54 14.01
CA SER C 73 -19.59 2.95 15.09
C SER C 73 -18.61 1.85 15.47
N ARG C 74 -17.53 2.29 16.10
CA ARG C 74 -16.57 1.40 16.73
C ARG C 74 -16.02 2.14 17.94
N SER C 75 -15.86 1.41 19.04
CA SER C 75 -15.47 1.99 20.32
C SER C 75 -14.10 1.49 20.75
N GLY C 76 -13.38 2.33 21.47
CA GLY C 76 -12.13 1.90 22.05
C GLY C 76 -11.59 2.93 23.01
N THR C 77 -10.34 2.74 23.40
CA THR C 77 -9.66 3.66 24.31
C THR C 77 -8.39 4.21 23.69
N TYR C 78 -8.02 5.42 24.09
CA TYR C 78 -6.72 5.98 23.75
C TYR C 78 -6.27 6.94 24.84
N ASN C 79 -5.05 6.71 25.36
CA ASN C 79 -4.42 7.65 26.29
C ASN C 79 -5.25 7.86 27.54
N GLY C 80 -5.96 6.83 27.98
CA GLY C 80 -6.79 6.93 29.16
C GLY C 80 -8.22 7.37 28.88
N TYR C 81 -8.48 7.95 27.72
CA TYR C 81 -9.82 8.37 27.36
C TYR C 81 -10.55 7.29 26.58
N TYR C 82 -11.88 7.36 26.61
CA TYR C 82 -12.74 6.40 25.93
C TYR C 82 -13.34 7.05 24.70
N ALA C 83 -13.19 6.39 23.54
CA ALA C 83 -13.56 6.98 22.27
C ALA C 83 -14.68 6.18 21.63
N ILE C 84 -15.71 6.87 21.16
CA ILE C 84 -16.73 6.25 20.33
C ILE C 84 -16.67 6.93 18.98
N MET C 85 -16.20 6.22 17.96
CA MET C 85 -16.12 6.78 16.61
C MET C 85 -17.40 6.44 15.87
N TYR C 86 -18.11 7.46 15.39
CA TYR C 86 -19.26 7.27 14.52
C TYR C 86 -18.84 7.57 13.09
N SER C 87 -19.31 6.75 12.16
CA SER C 87 -18.86 6.89 10.78
C SER C 87 -20.03 6.75 9.81
N TRP C 88 -19.98 7.50 8.72
CA TRP C 88 -20.99 7.42 7.67
C TRP C 88 -20.34 7.15 6.34
N TYR C 89 -20.99 6.30 5.53
CA TYR C 89 -20.58 6.06 4.15
C TYR C 89 -21.53 6.78 3.20
N MET C 90 -20.96 7.58 2.25
CA MET C 90 -21.77 8.10 1.17
C MET C 90 -21.33 7.49 -0.15
N PRO C 91 -22.26 7.28 -1.10
CA PRO C 91 -21.88 6.60 -2.36
C PRO C 91 -20.91 7.41 -3.22
N LYS C 92 -20.85 8.72 -3.07
CA LYS C 92 -19.87 9.51 -3.81
C LYS C 92 -19.61 10.80 -3.04
N ASP C 93 -18.50 11.45 -3.39
CA ASP C 93 -18.14 12.75 -2.84
C ASP C 93 -17.84 13.64 -4.03
N SER C 94 -18.81 14.45 -4.46
CA SER C 94 -18.75 15.12 -5.76
C SER C 94 -19.36 16.51 -5.66
N PRO C 95 -18.54 17.54 -5.42
CA PRO C 95 -19.09 18.88 -5.17
C PRO C 95 -19.71 19.51 -6.41
N SER C 96 -19.28 19.10 -7.60
CA SER C 96 -19.96 19.50 -8.81
C SER C 96 -19.80 18.39 -9.83
N THR C 97 -20.74 18.35 -10.78
CA THR C 97 -20.79 17.33 -11.82
C THR C 97 -19.41 17.10 -12.43
N GLY C 98 -18.93 15.86 -12.39
CA GLY C 98 -17.63 15.51 -12.91
C GLY C 98 -16.46 15.73 -11.96
N ILE C 99 -16.68 16.37 -10.82
CA ILE C 99 -15.63 16.61 -9.83
C ILE C 99 -15.82 15.63 -8.67
N GLY C 100 -14.72 15.21 -8.07
CA GLY C 100 -14.79 14.34 -6.90
C GLY C 100 -14.57 12.87 -7.21
N HIS C 101 -15.03 12.01 -6.31
CA HIS C 101 -14.73 10.59 -6.45
C HIS C 101 -15.89 9.71 -6.00
N ARG C 102 -15.86 8.47 -6.49
CA ARG C 102 -16.70 7.40 -5.98
C ARG C 102 -16.34 7.12 -4.52
N HIS C 103 -17.37 6.85 -3.71
CA HIS C 103 -17.25 6.53 -2.28
C HIS C 103 -16.89 7.73 -1.42
N ASP C 104 -17.42 7.76 -0.20
CA ASP C 104 -17.02 8.72 0.83
C ASP C 104 -17.16 8.04 2.18
N TRP C 105 -16.14 8.19 3.03
CA TRP C 105 -16.20 7.77 4.41
C TRP C 105 -15.83 8.96 5.29
N GLU C 106 -16.70 9.28 6.24
CA GLU C 106 -16.45 10.35 7.20
C GLU C 106 -16.61 9.76 8.59
N ASN C 107 -16.04 10.43 9.58
CA ASN C 107 -16.22 9.96 10.95
C ASN C 107 -16.08 11.12 11.95
N VAL C 108 -16.82 11.02 13.05
CA VAL C 108 -16.67 11.89 14.21
C VAL C 108 -16.32 11.02 15.40
N VAL C 109 -15.43 11.51 16.26
CA VAL C 109 -15.06 10.81 17.49
C VAL C 109 -15.66 11.58 18.66
N VAL C 110 -16.47 10.91 19.46
CA VAL C 110 -16.94 11.43 20.75
C VAL C 110 -15.99 10.91 21.82
N TRP C 111 -15.34 11.82 22.53
CA TRP C 111 -14.33 11.47 23.53
C TRP C 111 -14.93 11.58 24.92
N LEU C 112 -14.86 10.50 25.70
CA LEU C 112 -15.38 10.51 27.06
C LEU C 112 -14.22 10.39 28.04
N ASP C 113 -14.41 10.94 29.25
CA ASP C 113 -13.32 10.83 30.22
C ASP C 113 -13.06 9.37 30.58
N ASN C 114 -14.12 8.59 30.77
CA ASN C 114 -14.04 7.13 30.76
C ASN C 114 -15.45 6.61 30.49
N ALA C 115 -15.56 5.30 30.33
CA ALA C 115 -16.85 4.74 29.92
C ALA C 115 -17.88 4.72 31.04
N ALA C 116 -17.44 4.83 32.29
CA ALA C 116 -18.38 4.86 33.42
C ALA C 116 -18.90 6.28 33.67
N SER C 117 -17.98 7.22 33.94
CA SER C 117 -18.37 8.61 34.12
C SER C 117 -19.08 9.13 32.88
N ALA C 118 -18.52 8.83 31.71
CA ALA C 118 -19.15 9.11 30.42
C ALA C 118 -19.48 10.60 30.26
N ASN C 119 -18.53 11.45 30.65
CA ASN C 119 -18.61 12.89 30.37
C ASN C 119 -17.92 13.19 29.04
N ILE C 120 -18.62 13.88 28.15
CA ILE C 120 -18.01 14.31 26.89
C ILE C 120 -16.92 15.34 27.17
N VAL C 121 -15.70 15.03 26.79
CA VAL C 121 -14.58 15.95 26.99
C VAL C 121 -14.18 16.66 25.70
N ALA C 122 -14.43 16.06 24.54
CA ALA C 122 -14.08 16.68 23.27
C ALA C 122 -14.83 15.99 22.15
N LEU C 123 -14.93 16.67 21.01
CA LEU C 123 -15.39 16.09 19.75
C LEU C 123 -14.34 16.30 18.67
N SER C 124 -14.23 15.33 17.77
CA SER C 124 -13.30 15.41 16.64
C SER C 124 -14.04 15.02 15.37
N ALA C 125 -14.04 15.89 14.35
CA ALA C 125 -14.80 15.63 13.13
C ALA C 125 -13.88 15.60 11.93
N SER C 126 -14.00 14.56 11.09
CA SER C 126 -13.12 14.37 9.94
C SER C 126 -13.30 15.49 8.91
N ALA C 127 -12.18 16.03 8.44
CA ALA C 127 -12.24 17.06 7.41
C ALA C 127 -11.03 17.03 6.50
N GLY C 130 -7.42 15.78 7.98
CA GLY C 130 -7.28 15.88 9.42
C GLY C 130 -8.60 15.81 10.18
N TYR C 131 -8.62 16.41 11.38
CA TYR C 131 -9.80 16.45 12.23
C TYR C 131 -10.01 17.86 12.77
N LYS C 132 -11.24 18.37 12.68
CA LYS C 132 -11.66 19.53 13.45
C LYS C 132 -11.93 19.08 14.88
N LYS C 133 -11.62 19.95 15.84
CA LYS C 133 -11.71 19.57 17.24
C LYS C 133 -12.48 20.61 18.03
N SER C 134 -13.39 20.13 18.88
CA SER C 134 -14.09 20.97 19.85
C SER C 134 -13.65 20.48 21.21
N PHE C 135 -12.76 21.25 21.85
CA PHE C 135 -12.17 20.86 23.13
C PHE C 135 -12.03 22.10 24.01
N PRO C 136 -12.82 22.25 25.08
CA PRO C 136 -13.90 21.33 25.50
C PRO C 136 -15.03 21.32 24.48
N ALA C 137 -15.88 20.29 24.54
CA ALA C 137 -16.99 20.19 23.62
C ALA C 137 -17.93 21.38 23.79
N ASP C 138 -18.03 22.20 22.75
CA ASP C 138 -18.89 23.37 22.82
C ASP C 138 -20.34 22.94 23.02
N LYS C 139 -21.00 23.49 24.04
CA LYS C 139 -22.35 23.09 24.36
C LYS C 139 -23.35 23.47 23.26
N SER C 140 -23.02 24.42 22.40
CA SER C 140 -23.94 24.70 21.31
C SER C 140 -23.93 23.60 20.25
N TYR C 141 -22.97 22.67 20.31
CA TYR C 141 -22.91 21.53 19.40
C TYR C 141 -23.52 20.28 20.01
N LEU C 142 -24.12 20.39 21.18
CA LEU C 142 -24.66 19.26 21.91
C LEU C 142 -26.14 19.49 22.14
N ASP C 143 -26.95 18.49 21.80
CA ASP C 143 -28.35 18.43 22.21
C ASP C 143 -28.39 17.40 23.33
N GLY C 144 -28.25 17.87 24.57
CA GLY C 144 -28.05 16.94 25.67
C GLY C 144 -26.68 16.29 25.56
N ILE C 145 -26.62 14.97 25.41
CA ILE C 145 -25.37 14.28 25.12
C ILE C 145 -25.25 13.91 23.64
N THR C 146 -26.16 14.41 22.80
CA THR C 146 -26.21 14.07 21.37
C THR C 146 -25.44 15.14 20.60
N ALA C 147 -24.31 14.76 20.00
CA ALA C 147 -23.53 15.70 19.20
C ALA C 147 -24.27 16.07 17.91
N LYS C 148 -24.20 17.35 17.54
CA LYS C 148 -24.85 17.85 16.34
C LYS C 148 -23.78 18.06 15.27
N ILE C 149 -23.79 17.21 14.26
CA ILE C 149 -22.77 17.17 13.20
C ILE C 149 -23.41 17.60 11.88
N SER C 150 -22.58 18.23 11.03
CA SER C 150 -22.99 18.61 9.68
C SER C 150 -22.17 17.84 8.66
N TYR C 151 -22.78 17.57 7.51
CA TYR C 151 -22.10 17.04 6.34
C TYR C 151 -22.35 18.05 5.21
N LYS C 152 -21.27 18.64 4.70
CA LYS C 152 -21.45 19.79 3.85
C LYS C 152 -20.22 19.97 2.98
N SER C 153 -20.45 20.46 1.77
CA SER C 153 -19.39 20.95 0.91
C SER C 153 -19.40 22.49 1.00
N THR C 154 -18.31 23.06 1.50
CA THR C 154 -18.13 24.50 1.45
C THR C 154 -17.42 24.80 0.13
N TRP C 155 -18.20 25.21 -0.87
CA TRP C 155 -17.78 25.50 -2.23
C TRP C 155 -16.43 26.23 -2.24
N PRO C 156 -15.47 25.77 -3.06
CA PRO C 156 -15.59 24.65 -3.99
C PRO C 156 -15.03 23.32 -3.48
N LEU C 157 -14.76 23.24 -2.18
CA LEU C 157 -14.15 22.06 -1.57
C LEU C 157 -15.07 20.85 -1.68
N ASP C 158 -14.52 19.66 -1.40
CA ASP C 158 -15.39 18.50 -1.32
C ASP C 158 -16.04 18.43 0.06
N HIS C 159 -16.87 17.42 0.29
CA HIS C 159 -17.67 17.38 1.49
C HIS C 159 -16.81 17.02 2.70
N GLU C 160 -17.24 17.48 3.87
CA GLU C 160 -16.53 17.18 5.10
C GLU C 160 -17.52 17.29 6.26
N LEU C 161 -17.11 16.77 7.41
CA LEU C 161 -17.91 16.91 8.62
C LEU C 161 -17.59 18.21 9.31
N GLY C 162 -18.48 18.62 10.20
CA GLY C 162 -18.29 19.83 10.97
C GLY C 162 -19.23 19.80 12.15
N PHE C 163 -19.04 20.77 13.04
CA PHE C 163 -19.92 20.93 14.17
C PHE C 163 -20.96 21.98 13.82
N THR C 164 -22.20 21.79 14.31
CA THR C 164 -23.28 22.68 13.93
C THR C 164 -24.24 22.88 15.09
N THR C 165 -24.86 24.06 15.12
CA THR C 165 -25.98 24.27 16.03
C THR C 165 -27.27 23.68 15.49
N SER C 166 -27.35 23.43 14.18
CA SER C 166 -28.57 22.95 13.55
C SER C 166 -28.89 21.54 14.00
N ALA C 167 -30.17 21.31 14.31
CA ALA C 167 -30.65 19.96 14.55
C ALA C 167 -30.46 19.11 13.31
N GLY C 168 -30.18 17.82 13.52
CA GLY C 168 -29.96 16.92 12.42
C GLY C 168 -30.80 15.68 12.58
N LYS C 169 -30.57 14.67 11.75
CA LYS C 169 -31.33 13.44 11.79
C LYS C 169 -30.45 12.28 12.23
N GLN C 170 -31.10 11.19 12.63
CA GLN C 170 -30.42 10.02 13.13
C GLN C 170 -30.68 8.83 12.22
N GLN C 171 -29.77 7.86 12.27
CA GLN C 171 -29.78 6.71 11.38
C GLN C 171 -29.72 5.43 12.21
N PRO C 172 -30.25 4.32 11.70
CA PRO C 172 -30.05 3.03 12.38
C PRO C 172 -28.55 2.72 12.48
N LEU C 173 -28.11 2.41 13.70
CA LEU C 173 -26.69 2.19 13.99
C LEU C 173 -26.38 0.70 14.03
N ILE C 174 -25.43 0.26 13.20
CA ILE C 174 -24.81 -1.05 13.33
C ILE C 174 -23.34 -0.84 13.67
N GLN C 175 -22.91 -1.47 14.75
CA GLN C 175 -21.59 -1.26 15.29
C GLN C 175 -20.64 -2.35 14.78
N TRP C 176 -19.38 -1.95 14.61
CA TRP C 176 -18.32 -2.91 14.31
C TRP C 176 -18.43 -4.14 15.18
N GLU C 177 -18.65 -3.93 16.47
CA GLU C 177 -18.74 -5.01 17.45
C GLU C 177 -19.97 -5.88 17.26
N GLN C 178 -20.95 -5.45 16.48
CA GLN C 178 -22.17 -6.22 16.26
C GLN C 178 -22.23 -6.87 14.89
N MET C 179 -21.26 -6.58 14.02
CA MET C 179 -21.31 -7.11 12.67
C MET C 179 -20.96 -8.58 12.63
N THR C 180 -21.31 -9.21 11.52
CA THR C 180 -20.77 -10.52 11.20
C THR C 180 -19.28 -10.40 10.89
N GLN C 181 -18.57 -11.53 11.08
CA GLN C 181 -17.16 -11.53 10.69
C GLN C 181 -16.99 -11.22 9.21
N ALA C 182 -17.90 -11.72 8.36
CA ALA C 182 -17.82 -11.45 6.93
C ALA C 182 -17.87 -9.95 6.65
N ALA C 183 -18.74 -9.23 7.36
CA ALA C 183 -18.81 -7.78 7.14
C ALA C 183 -17.54 -7.09 7.62
N ARG C 184 -17.01 -7.49 8.79
CA ARG C 184 -15.75 -6.91 9.24
C ARG C 184 -14.61 -7.22 8.26
N ASP C 185 -14.53 -8.47 7.80
CA ASP C 185 -13.51 -8.83 6.81
C ASP C 185 -13.63 -7.95 5.56
N ALA C 186 -14.85 -7.76 5.07
CA ALA C 186 -15.05 -6.98 3.85
C ALA C 186 -14.66 -5.52 4.04
N LEU C 187 -15.00 -4.93 5.18
CA LEU C 187 -14.61 -3.55 5.42
C LEU C 187 -13.10 -3.42 5.58
N GLU C 188 -12.44 -4.47 6.06
CA GLU C 188 -10.99 -4.42 6.23
C GLU C 188 -10.28 -4.47 4.89
N SER C 189 -10.77 -5.30 3.96
CA SER C 189 -10.00 -5.62 2.75
C SER C 189 -10.49 -4.91 1.49
N THR C 190 -11.68 -4.32 1.49
CA THR C 190 -12.25 -3.75 0.28
C THR C 190 -11.56 -2.46 -0.10
N ASP C 191 -11.28 -2.31 -1.38
CA ASP C 191 -10.70 -1.07 -1.90
C ASP C 191 -11.82 -0.06 -2.14
N PHE C 192 -11.88 0.98 -1.30
CA PHE C 192 -12.86 2.06 -1.49
C PHE C 192 -12.27 3.26 -2.23
N GLY C 193 -11.17 3.05 -2.97
CA GLY C 193 -10.64 4.11 -3.84
C GLY C 193 -10.02 5.26 -3.09
N ASN C 194 -10.54 6.47 -3.34
CA ASN C 194 -10.09 7.65 -2.62
C ASN C 194 -10.62 7.73 -1.19
N ALA C 195 -11.63 6.92 -0.85
CA ALA C 195 -12.18 6.89 0.50
C ALA C 195 -11.57 5.74 1.28
N ASN C 196 -11.54 5.87 2.61
CA ASN C 196 -10.98 4.84 3.47
C ASN C 196 -11.88 4.62 4.68
N VAL C 197 -12.25 3.36 4.91
CA VAL C 197 -12.93 2.99 6.14
C VAL C 197 -12.08 3.45 7.33
N PRO C 198 -12.61 4.26 8.24
CA PRO C 198 -11.78 4.78 9.35
C PRO C 198 -11.83 3.98 10.65
N PHE C 199 -12.51 2.85 10.67
CA PHE C 199 -12.63 2.04 11.88
C PHE C 199 -12.25 0.58 11.63
N LYS C 200 -11.40 0.32 10.64
CA LYS C 200 -10.87 -1.02 10.44
C LYS C 200 -9.56 -1.17 11.21
N SER C 201 -8.56 -1.85 10.65
CA SER C 201 -7.32 -2.02 11.40
C SER C 201 -6.56 -0.72 11.61
N ASN C 202 -7.00 0.36 10.97
CA ASN C 202 -6.45 1.70 11.17
C ASN C 202 -7.12 2.42 12.33
N PHE C 203 -7.99 1.74 13.08
CA PHE C 203 -8.81 2.44 14.06
C PHE C 203 -7.96 3.18 15.09
N GLN C 204 -6.95 2.51 15.66
CA GLN C 204 -6.15 3.18 16.68
C GLN C 204 -5.38 4.35 16.10
N ASP C 205 -4.91 4.21 14.86
CA ASP C 205 -4.18 5.28 14.19
C ASP C 205 -5.07 6.50 13.98
N LYS C 206 -6.36 6.27 13.67
CA LYS C 206 -7.29 7.38 13.51
C LYS C 206 -7.54 8.07 14.85
N LEU C 207 -7.66 7.29 15.93
CA LEU C 207 -7.84 7.87 17.25
C LEU C 207 -6.67 8.78 17.59
N VAL C 208 -5.45 8.34 17.30
CA VAL C 208 -4.27 9.17 17.52
C VAL C 208 -4.43 10.50 16.79
N LYS C 209 -4.82 10.46 15.51
CA LYS C 209 -5.01 11.69 14.75
C LYS C 209 -6.18 12.52 15.29
N ALA C 210 -7.23 11.86 15.77
CA ALA C 210 -8.39 12.57 16.32
C ALA C 210 -8.14 13.12 17.72
N PHE C 211 -7.05 12.74 18.38
CA PHE C 211 -6.89 13.12 19.78
C PHE C 211 -6.77 14.63 19.92
N PHE C 212 -7.28 15.14 21.04
CA PHE C 212 -7.62 16.55 21.17
C PHE C 212 -6.59 17.39 21.94
N GLN C 213 -5.56 16.78 22.50
CA GLN C 213 -4.56 17.56 23.24
C GLN C 213 -3.16 16.94 23.14
N ALA D 1 12.15 -41.21 1.45
CA ALA D 1 13.31 -41.20 2.34
C ALA D 1 13.89 -39.80 2.44
N VAL D 2 15.18 -39.68 2.68
CA VAL D 2 15.82 -38.39 2.87
C VAL D 2 16.20 -37.81 1.51
N ILE D 3 15.92 -36.52 1.32
CA ILE D 3 16.34 -35.78 0.13
C ILE D 3 17.07 -34.51 0.57
N ASN D 4 17.70 -33.84 -0.40
CA ASN D 4 18.52 -32.68 -0.08
C ASN D 4 17.67 -31.58 0.53
N HIS D 5 18.20 -30.95 1.58
CA HIS D 5 17.44 -29.94 2.33
C HIS D 5 16.90 -28.84 1.42
N ASP D 6 17.66 -28.44 0.41
CA ASP D 6 17.25 -27.37 -0.48
C ASP D 6 16.45 -27.86 -1.68
N ALA D 7 16.16 -29.16 -1.74
CA ALA D 7 15.30 -29.71 -2.79
C ALA D 7 13.92 -30.06 -2.27
N VAL D 8 13.67 -29.91 -0.98
CA VAL D 8 12.31 -30.16 -0.47
C VAL D 8 11.44 -29.00 -0.92
N PRO D 9 10.37 -29.25 -1.68
CA PRO D 9 9.54 -28.15 -2.15
C PRO D 9 8.77 -27.47 -1.03
N VAL D 10 8.54 -26.18 -1.18
CA VAL D 10 7.62 -25.48 -0.27
C VAL D 10 6.21 -25.98 -0.56
N TRP D 11 5.53 -26.46 0.49
CA TRP D 11 4.14 -26.87 0.37
C TRP D 11 3.26 -25.62 0.35
N PRO D 12 2.53 -25.38 -0.73
CA PRO D 12 1.70 -24.16 -0.79
C PRO D 12 0.60 -24.17 0.25
N GLN D 13 0.30 -23.02 0.77
CA GLN D 13 -0.77 -22.88 1.75
C GLN D 13 -2.11 -23.01 1.06
N PRO D 14 -2.90 -24.03 1.34
CA PRO D 14 -4.19 -24.20 0.67
C PRO D 14 -5.24 -23.31 1.36
N GLU D 15 -6.45 -23.31 0.79
CA GLU D 15 -7.56 -22.65 1.46
C GLU D 15 -8.03 -23.52 2.62
N PRO D 16 -8.47 -22.90 3.72
CA PRO D 16 -8.89 -23.70 4.88
C PRO D 16 -10.25 -24.37 4.65
N ALA D 17 -10.30 -25.68 4.84
CA ALA D 17 -11.49 -26.46 4.47
C ALA D 17 -12.52 -26.58 5.57
N ASP D 18 -12.18 -26.17 6.80
CA ASP D 18 -13.10 -26.30 7.93
C ASP D 18 -12.69 -25.27 8.98
N ALA D 19 -13.44 -25.23 10.08
CA ALA D 19 -13.21 -24.18 11.06
C ALA D 19 -11.87 -24.34 11.76
N THR D 20 -11.42 -25.58 11.97
CA THR D 20 -10.11 -25.83 12.55
C THR D 20 -9.02 -25.20 11.70
N GLN D 21 -9.03 -25.50 10.40
CA GLN D 21 -7.97 -24.98 9.54
C GLN D 21 -8.08 -23.46 9.40
N ALA D 22 -9.30 -22.92 9.39
CA ALA D 22 -9.45 -21.47 9.25
C ALA D 22 -8.90 -20.74 10.48
N LEU D 23 -9.13 -21.31 11.67
CA LEU D 23 -8.59 -20.72 12.89
C LEU D 23 -7.06 -20.72 12.88
N ALA D 24 -6.44 -21.81 12.42
CA ALA D 24 -4.98 -21.86 12.40
C ALA D 24 -4.40 -20.85 11.42
N VAL D 25 -5.08 -20.62 10.29
CA VAL D 25 -4.65 -19.55 9.40
C VAL D 25 -4.79 -18.21 10.09
N ARG D 26 -5.89 -18.01 10.81
CA ARG D 26 -6.18 -16.71 11.41
C ARG D 26 -5.12 -16.30 12.44
N PHE D 27 -4.61 -17.26 13.22
CA PHE D 27 -3.68 -16.96 14.30
C PHE D 27 -2.22 -17.22 13.93
N LYS D 28 -1.93 -17.41 12.64
CA LYS D 28 -0.57 -17.63 12.15
C LYS D 28 0.36 -16.55 12.69
N PRO D 29 1.44 -16.91 13.37
CA PRO D 29 2.32 -15.91 14.01
C PRO D 29 3.32 -15.30 13.03
N GLN D 30 4.08 -14.33 13.54
CA GLN D 30 5.25 -13.77 12.88
C GLN D 30 6.51 -14.31 13.53
N LEU D 31 7.57 -14.52 12.73
CA LEU D 31 8.85 -15.03 13.21
C LEU D 31 9.97 -14.07 12.83
N ASP D 32 10.70 -13.61 13.83
CA ASP D 32 11.88 -12.78 13.64
C ASP D 32 13.11 -13.67 13.82
N VAL D 33 13.72 -14.09 12.71
CA VAL D 33 14.92 -14.91 12.76
C VAL D 33 16.11 -13.99 12.96
N VAL D 34 16.66 -13.99 14.18
CA VAL D 34 17.75 -13.07 14.52
C VAL D 34 19.09 -13.62 14.06
N ASN D 35 19.32 -14.91 14.22
CA ASN D 35 20.52 -15.56 13.70
C ASN D 35 20.20 -17.04 13.53
N GLY D 36 21.14 -17.79 12.98
CA GLY D 36 20.88 -19.18 12.65
C GLY D 36 20.09 -19.31 11.35
N CYS D 37 19.53 -20.51 11.14
CA CYS D 37 18.85 -20.82 9.89
C CYS D 37 17.47 -20.17 9.79
N GLN D 38 17.08 -19.86 8.56
CA GLN D 38 15.69 -19.62 8.22
C GLN D 38 14.91 -20.93 8.30
N PRO D 39 13.60 -20.87 8.52
CA PRO D 39 12.80 -22.11 8.46
C PRO D 39 12.75 -22.65 7.03
N TYR D 40 12.80 -23.97 6.91
CA TYR D 40 12.81 -24.67 5.64
C TYR D 40 11.69 -25.71 5.63
N PRO D 41 11.35 -26.26 4.45
CA PRO D 41 10.37 -27.35 4.41
C PRO D 41 11.03 -28.65 4.85
N ALA D 42 10.33 -29.41 5.70
CA ALA D 42 10.88 -30.64 6.24
C ALA D 42 10.40 -31.90 5.54
N VAL D 43 9.32 -31.81 4.77
CA VAL D 43 8.65 -32.98 4.22
C VAL D 43 7.94 -32.56 2.95
N ASP D 44 7.87 -33.47 1.98
CA ASP D 44 7.09 -33.29 0.77
C ASP D 44 5.84 -34.18 0.79
N PRO D 45 4.91 -33.99 -0.14
CA PRO D 45 3.64 -34.73 -0.06
C PRO D 45 3.79 -36.23 -0.30
N GLN D 46 4.94 -36.67 -0.83
CA GLN D 46 5.24 -38.09 -0.99
C GLN D 46 5.88 -38.70 0.24
N GLY D 47 6.15 -37.90 1.27
CA GLY D 47 6.75 -38.42 2.49
C GLY D 47 8.27 -38.40 2.53
N ASN D 48 8.94 -37.82 1.53
CA ASN D 48 10.38 -37.64 1.65
C ASN D 48 10.66 -36.53 2.65
N THR D 49 11.79 -36.62 3.34
CA THR D 49 12.10 -35.64 4.38
C THR D 49 13.46 -34.99 4.13
N SER D 50 13.66 -33.85 4.80
CA SER D 50 14.87 -33.09 4.63
C SER D 50 16.05 -33.80 5.29
N GLY D 51 17.16 -33.91 4.55
CA GLY D 51 18.39 -34.39 5.14
C GLY D 51 19.09 -33.41 6.05
N GLY D 52 18.57 -32.19 6.20
CA GLY D 52 19.21 -31.24 7.06
C GLY D 52 20.63 -30.88 6.59
N LEU D 53 21.39 -30.30 7.51
CA LEU D 53 22.75 -29.89 7.21
C LEU D 53 23.67 -30.38 8.32
N LYS D 54 24.86 -30.86 7.94
CA LYS D 54 25.86 -31.13 8.96
C LYS D 54 26.23 -29.84 9.66
N PRO D 55 26.55 -29.87 10.95
CA PRO D 55 26.94 -28.63 11.62
C PRO D 55 28.36 -28.23 11.26
N SER D 56 28.50 -27.46 10.18
CA SER D 56 29.79 -27.05 9.65
C SER D 56 29.67 -25.74 8.88
N ALA D 60 25.40 -19.66 8.35
CA ALA D 60 24.04 -20.01 7.92
C ALA D 60 23.89 -19.87 6.40
N ALA D 61 25.00 -19.90 5.65
CA ALA D 61 24.92 -19.62 4.23
C ALA D 61 24.14 -20.69 3.48
N ALA D 62 24.06 -21.91 4.00
CA ALA D 62 23.33 -22.99 3.36
C ALA D 62 21.88 -23.07 3.78
N CYS D 63 21.45 -22.23 4.72
CA CYS D 63 20.09 -22.32 5.27
C CYS D 63 19.52 -20.92 5.50
N ARG D 64 19.77 -19.99 4.58
CA ARG D 64 19.31 -18.62 4.72
C ARG D 64 18.39 -18.18 3.59
N ASP D 65 17.93 -19.11 2.75
CA ASP D 65 17.16 -18.77 1.55
C ASP D 65 15.72 -18.51 1.96
N MET D 66 15.29 -17.24 1.85
CA MET D 66 13.94 -16.84 2.26
C MET D 66 12.86 -17.50 1.43
N SER D 67 13.19 -17.90 0.18
CA SER D 67 12.16 -18.49 -0.66
C SER D 67 11.76 -19.88 -0.20
N LYS D 68 12.53 -20.49 0.70
CA LYS D 68 12.23 -21.82 1.21
C LYS D 68 11.30 -21.78 2.41
N ALA D 69 10.77 -20.61 2.78
CA ALA D 69 10.05 -20.47 4.04
C ALA D 69 8.84 -21.40 4.11
N GLN D 70 8.61 -21.94 5.31
CA GLN D 70 7.51 -22.85 5.57
C GLN D 70 7.22 -22.82 7.07
N VAL D 71 5.94 -22.95 7.43
CA VAL D 71 5.56 -23.15 8.82
C VAL D 71 4.49 -24.24 8.84
N TYR D 72 4.39 -24.93 9.98
CA TYR D 72 3.48 -26.04 10.23
C TYR D 72 2.56 -25.69 11.38
N SER D 73 1.42 -26.37 11.44
CA SER D 73 0.60 -26.27 12.65
C SER D 73 -0.17 -27.55 12.88
N ARG D 74 -0.58 -27.74 14.13
CA ARG D 74 -1.55 -28.76 14.49
C ARG D 74 -2.40 -28.17 15.60
N SER D 75 -3.68 -28.49 15.61
CA SER D 75 -4.62 -27.92 16.56
C SER D 75 -5.21 -29.01 17.45
N GLY D 76 -5.49 -28.64 18.70
CA GLY D 76 -6.16 -29.55 19.60
C GLY D 76 -6.57 -28.84 20.86
N THR D 77 -6.96 -29.63 21.87
CA THR D 77 -7.38 -29.08 23.16
C THR D 77 -6.60 -29.75 24.28
N TYR D 78 -6.44 -29.01 25.37
CA TYR D 78 -5.88 -29.58 26.59
C TYR D 78 -6.42 -28.82 27.81
N ASN D 79 -6.90 -29.57 28.79
CA ASN D 79 -7.25 -29.03 30.11
C ASN D 79 -8.25 -27.87 30.01
N GLY D 80 -9.20 -27.97 29.09
CA GLY D 80 -10.21 -26.94 28.93
C GLY D 80 -9.84 -25.77 28.07
N TYR D 81 -8.67 -25.79 27.43
CA TYR D 81 -8.23 -24.71 26.57
C TYR D 81 -8.03 -25.24 25.15
N TYR D 82 -8.09 -24.35 24.17
CA TYR D 82 -7.85 -24.68 22.78
C TYR D 82 -6.44 -24.25 22.40
N ALA D 83 -5.68 -25.16 21.79
CA ALA D 83 -4.27 -24.92 21.51
C ALA D 83 -4.01 -25.02 20.02
N ILE D 84 -3.33 -24.03 19.46
CA ILE D 84 -2.80 -24.11 18.10
C ILE D 84 -1.29 -24.06 18.20
N MET D 85 -0.62 -25.15 17.85
CA MET D 85 0.84 -25.23 17.87
C MET D 85 1.36 -24.90 16.48
N TYR D 86 2.21 -23.88 16.38
CA TYR D 86 2.92 -23.56 15.14
C TYR D 86 4.35 -24.04 15.27
N SER D 87 4.87 -24.68 14.24
CA SER D 87 6.18 -25.29 14.33
C SER D 87 6.98 -24.98 13.09
N TRP D 88 8.28 -24.78 13.29
CA TRP D 88 9.25 -24.52 12.22
C TRP D 88 10.32 -25.59 12.24
N TYR D 89 10.75 -26.00 11.05
CA TYR D 89 11.92 -26.85 10.88
C TYR D 89 13.09 -26.02 10.37
N MET D 90 14.26 -26.15 11.02
CA MET D 90 15.48 -25.57 10.44
C MET D 90 16.47 -26.68 10.09
N PRO D 91 17.24 -26.53 9.01
CA PRO D 91 18.12 -27.65 8.60
C PRO D 91 19.21 -27.99 9.63
N LYS D 92 19.62 -27.06 10.49
CA LYS D 92 20.54 -27.36 11.57
C LYS D 92 20.35 -26.36 12.70
N ASP D 93 20.90 -26.72 13.86
CA ASP D 93 20.93 -25.86 15.05
C ASP D 93 22.39 -25.77 15.47
N SER D 94 23.08 -24.72 15.04
CA SER D 94 24.52 -24.68 15.23
C SER D 94 25.01 -23.32 15.69
N GLY D 98 31.66 -26.28 14.59
CA GLY D 98 31.49 -27.70 14.89
C GLY D 98 30.72 -27.97 16.17
N ILE D 99 29.79 -27.08 16.49
CA ILE D 99 28.94 -27.18 17.67
C ILE D 99 27.49 -27.20 17.20
N GLY D 100 26.65 -27.96 17.91
CA GLY D 100 25.26 -28.08 17.53
C GLY D 100 25.00 -29.35 16.75
N HIS D 101 23.96 -29.37 15.91
CA HIS D 101 23.67 -30.62 15.22
C HIS D 101 22.78 -30.39 14.00
N ARG D 102 22.73 -31.42 13.17
CA ARG D 102 21.76 -31.53 12.08
C ARG D 102 20.34 -31.50 12.63
N HIS D 103 19.46 -30.80 11.91
CA HIS D 103 18.03 -30.67 12.17
C HIS D 103 17.72 -29.78 13.37
N ASP D 104 16.57 -29.10 13.32
CA ASP D 104 16.02 -28.38 14.46
C ASP D 104 14.51 -28.30 14.26
N TRP D 105 13.77 -28.51 15.35
CA TRP D 105 12.32 -28.31 15.37
C TRP D 105 12.01 -27.41 16.55
N GLU D 106 11.31 -26.30 16.30
CA GLU D 106 10.84 -25.40 17.34
C GLU D 106 9.32 -25.29 17.24
N ASN D 107 8.69 -24.84 18.32
CA ASN D 107 7.24 -24.66 18.26
C ASN D 107 6.78 -23.67 19.32
N VAL D 108 5.76 -22.89 18.96
CA VAL D 108 5.05 -21.99 19.85
C VAL D 108 3.62 -22.47 19.90
N VAL D 109 3.02 -22.46 21.10
CA VAL D 109 1.60 -22.78 21.25
C VAL D 109 0.85 -21.50 21.54
N VAL D 110 -0.20 -21.25 20.76
CA VAL D 110 -1.15 -20.16 21.03
C VAL D 110 -2.33 -20.79 21.76
N TRP D 111 -2.56 -20.39 23.00
CA TRP D 111 -3.64 -20.92 23.82
C TRP D 111 -4.86 -19.99 23.75
N LEU D 112 -6.00 -20.54 23.36
CA LEU D 112 -7.26 -19.82 23.31
C LEU D 112 -8.17 -20.31 24.43
N ASP D 113 -9.04 -19.43 24.92
CA ASP D 113 -9.98 -19.89 25.95
C ASP D 113 -10.89 -20.97 25.39
N ASN D 114 -11.40 -20.78 24.17
CA ASN D 114 -12.03 -21.85 23.39
C ASN D 114 -12.00 -21.44 21.94
N ALA D 115 -12.35 -22.37 21.04
CA ALA D 115 -12.17 -22.08 19.63
C ALA D 115 -13.21 -21.10 19.09
N ALA D 116 -14.29 -20.82 19.82
CA ALA D 116 -15.24 -19.84 19.30
C ALA D 116 -14.93 -18.44 19.82
N SER D 117 -14.79 -18.29 21.14
CA SER D 117 -14.35 -17.00 21.69
C SER D 117 -13.01 -16.58 21.12
N ALA D 118 -12.07 -17.54 21.04
CA ALA D 118 -10.75 -17.32 20.43
C ALA D 118 -10.05 -16.10 21.03
N ASN D 119 -10.17 -15.94 22.35
CA ASN D 119 -9.33 -14.98 23.07
C ASN D 119 -8.02 -15.65 23.45
N ILE D 120 -6.91 -15.01 23.11
CA ILE D 120 -5.59 -15.54 23.48
C ILE D 120 -5.39 -15.37 24.97
N VAL D 121 -5.25 -16.49 25.68
CA VAL D 121 -4.97 -16.42 27.11
C VAL D 121 -3.49 -16.59 27.43
N ALA D 122 -2.69 -17.14 26.52
CA ALA D 122 -1.29 -17.37 26.82
C ALA D 122 -0.56 -17.76 25.55
N LEU D 123 0.76 -17.58 25.59
CA LEU D 123 1.68 -18.09 24.58
C LEU D 123 2.76 -18.91 25.26
N SER D 124 3.18 -20.00 24.61
CA SER D 124 4.30 -20.81 25.08
C SER D 124 5.26 -21.00 23.92
N ALA D 125 6.55 -20.74 24.15
CA ALA D 125 7.56 -20.83 23.11
C ALA D 125 8.63 -21.84 23.51
N SER D 126 8.98 -22.75 22.60
CA SER D 126 9.94 -23.80 22.90
C SER D 126 11.32 -23.23 23.22
N ALA D 127 11.89 -23.67 24.36
CA ALA D 127 13.21 -23.26 24.83
C ALA D 127 14.18 -24.43 24.67
N HIS D 128 15.41 -24.29 25.21
CA HIS D 128 16.32 -25.43 25.14
C HIS D 128 15.72 -26.63 25.86
N SER D 129 15.13 -26.40 27.02
CA SER D 129 14.36 -27.39 27.75
C SER D 129 13.00 -26.78 28.09
N GLY D 130 11.93 -27.45 27.71
CA GLY D 130 10.61 -26.97 28.09
C GLY D 130 10.15 -25.75 27.29
N TYR D 131 9.38 -24.90 27.95
CA TYR D 131 8.71 -23.78 27.30
C TYR D 131 8.83 -22.50 28.13
N LYS D 132 9.14 -21.41 27.45
CA LYS D 132 8.88 -20.08 27.98
C LYS D 132 7.39 -19.77 27.86
N LYS D 133 6.86 -19.04 28.84
CA LYS D 133 5.44 -18.76 28.85
C LYS D 133 5.18 -17.26 29.01
N SER D 134 4.16 -16.78 28.30
CA SER D 134 3.65 -15.42 28.45
C SER D 134 2.18 -15.59 28.86
N PHE D 135 1.90 -15.36 30.14
CA PHE D 135 0.60 -15.60 30.74
C PHE D 135 0.29 -14.48 31.73
N PRO D 136 -0.66 -13.58 31.43
CA PRO D 136 -1.44 -13.56 30.18
C PRO D 136 -0.53 -13.19 29.03
N ALA D 137 -1.00 -13.36 27.80
CA ALA D 137 -0.18 -12.99 26.66
C ALA D 137 0.12 -11.50 26.69
N ASP D 138 1.39 -11.15 26.88
CA ASP D 138 1.80 -9.74 26.90
C ASP D 138 1.46 -9.06 25.59
N LYS D 139 0.77 -7.94 25.66
CA LYS D 139 0.33 -7.28 24.47
C LYS D 139 1.45 -6.78 23.59
N SER D 140 2.58 -6.47 24.17
CA SER D 140 3.72 -6.06 23.36
C SER D 140 4.24 -7.18 22.49
N TYR D 141 3.80 -8.42 22.73
CA TYR D 141 4.16 -9.56 21.89
C TYR D 141 3.09 -9.90 20.87
N LEU D 142 2.02 -9.09 20.77
CA LEU D 142 0.96 -9.32 19.81
C LEU D 142 0.84 -8.15 18.85
N ASP D 143 0.84 -8.45 17.56
CA ASP D 143 0.42 -7.53 16.51
C ASP D 143 -1.02 -7.91 16.18
N GLY D 144 -1.97 -7.26 16.86
CA GLY D 144 -3.35 -7.66 16.77
C GLY D 144 -3.56 -9.00 17.44
N ILE D 145 -3.88 -10.03 16.67
CA ILE D 145 -3.93 -11.41 17.16
C ILE D 145 -2.72 -12.21 16.70
N THR D 146 -1.72 -11.56 16.10
CA THR D 146 -0.56 -12.23 15.52
C THR D 146 0.59 -12.21 16.52
N ALA D 147 0.91 -13.38 17.07
CA ALA D 147 2.00 -13.47 18.02
C ALA D 147 3.32 -13.13 17.36
N LYS D 148 4.19 -12.41 18.08
CA LYS D 148 5.49 -12.02 17.56
C LYS D 148 6.56 -12.87 18.23
N ILE D 149 7.15 -13.79 17.45
CA ILE D 149 8.08 -14.78 17.96
C ILE D 149 9.46 -14.51 17.39
N SER D 150 10.49 -14.78 18.19
CA SER D 150 11.87 -14.69 17.75
C SER D 150 12.49 -16.08 17.71
N TYR D 151 13.50 -16.25 16.85
CA TYR D 151 14.35 -17.44 16.82
C TYR D 151 15.79 -16.95 16.92
N LYS D 152 16.50 -17.39 17.95
CA LYS D 152 17.74 -16.74 18.35
C LYS D 152 18.58 -17.71 19.17
N SER D 153 19.89 -17.72 18.91
CA SER D 153 20.80 -18.49 19.75
C SER D 153 20.82 -17.86 21.13
N THR D 154 20.52 -18.65 22.16
CA THR D 154 20.39 -18.16 23.53
C THR D 154 21.62 -18.59 24.33
N TRP D 155 22.43 -17.62 24.73
CA TRP D 155 23.67 -17.87 25.42
C TRP D 155 23.42 -18.54 26.78
N PRO D 156 24.24 -19.52 27.18
CA PRO D 156 25.42 -20.01 26.46
C PRO D 156 25.13 -21.23 25.59
N LEU D 157 23.87 -21.46 25.26
CA LEU D 157 23.53 -22.70 24.58
C LEU D 157 23.14 -22.47 23.12
N ASP D 158 22.04 -23.07 22.68
CA ASP D 158 21.72 -23.14 21.27
CA ASP D 158 21.69 -23.17 21.29
C ASP D 158 20.50 -22.26 20.95
N HIS D 159 19.91 -22.47 19.79
CA HIS D 159 18.81 -21.63 19.37
C HIS D 159 17.55 -22.00 20.12
N GLU D 160 16.68 -21.03 20.28
CA GLU D 160 15.36 -21.31 20.83
C GLU D 160 14.40 -20.21 20.39
N LEU D 161 13.12 -20.47 20.64
CA LEU D 161 12.12 -19.46 20.38
C LEU D 161 12.01 -18.53 21.57
N GLY D 162 11.46 -17.35 21.30
CA GLY D 162 11.21 -16.37 22.34
C GLY D 162 10.12 -15.44 21.88
N PHE D 163 9.67 -14.62 22.80
CA PHE D 163 8.71 -13.57 22.48
C PHE D 163 9.47 -12.28 22.25
N THR D 164 8.90 -11.40 21.42
CA THR D 164 9.64 -10.22 21.01
C THR D 164 8.67 -9.12 20.62
N THR D 165 9.11 -7.86 20.79
CA THR D 165 8.35 -6.74 20.25
C THR D 165 8.63 -6.51 18.77
N SER D 166 9.67 -7.14 18.23
CA SER D 166 10.04 -6.88 16.84
C SER D 166 9.05 -7.51 15.89
N ALA D 167 8.68 -6.77 14.84
CA ALA D 167 7.92 -7.34 13.75
C ALA D 167 8.72 -8.46 13.09
N GLY D 168 8.02 -9.51 12.68
CA GLY D 168 8.69 -10.61 12.03
C GLY D 168 8.07 -10.92 10.68
N LYS D 169 8.48 -12.04 10.11
CA LYS D 169 8.00 -12.48 8.80
C LYS D 169 7.06 -13.65 8.96
N GLN D 170 6.27 -13.88 7.93
CA GLN D 170 5.36 -15.01 7.91
C GLN D 170 5.74 -15.96 6.79
N GLN D 171 5.24 -17.19 6.89
CA GLN D 171 5.56 -18.30 6.01
C GLN D 171 4.29 -18.97 5.54
N PRO D 172 4.30 -19.61 4.37
CA PRO D 172 3.16 -20.44 3.97
C PRO D 172 2.94 -21.57 4.99
N LEU D 173 1.70 -21.72 5.41
CA LEU D 173 1.35 -22.68 6.45
C LEU D 173 0.73 -23.91 5.81
N ILE D 174 1.30 -25.07 6.07
CA ILE D 174 0.61 -26.33 5.81
C ILE D 174 0.36 -27.03 7.15
N GLN D 175 -0.90 -27.36 7.39
CA GLN D 175 -1.28 -27.91 8.67
C GLN D 175 -1.19 -29.43 8.63
N TRP D 176 -0.89 -30.01 9.80
CA TRP D 176 -0.95 -31.46 9.97
C TRP D 176 -2.24 -32.01 9.40
N GLU D 177 -3.35 -31.33 9.69
CA GLU D 177 -4.66 -31.77 9.23
C GLU D 177 -4.83 -31.66 7.72
N GLN D 178 -3.94 -30.95 7.03
CA GLN D 178 -4.03 -30.78 5.59
C GLN D 178 -3.01 -31.61 4.81
N MET D 179 -2.11 -32.29 5.50
CA MET D 179 -1.06 -33.04 4.82
C MET D 179 -1.61 -34.29 4.16
N THR D 180 -0.82 -34.83 3.23
CA THR D 180 -1.08 -36.19 2.79
C THR D 180 -0.78 -37.17 3.92
N GLN D 181 -1.35 -38.37 3.83
CA GLN D 181 -1.03 -39.37 4.82
C GLN D 181 0.46 -39.73 4.78
N ALA D 182 1.06 -39.73 3.59
CA ALA D 182 2.48 -40.06 3.48
C ALA D 182 3.33 -39.06 4.26
N ALA D 183 2.96 -37.78 4.21
CA ALA D 183 3.69 -36.78 4.96
C ALA D 183 3.52 -36.97 6.47
N ARG D 184 2.30 -37.22 6.92
CA ARG D 184 2.10 -37.48 8.34
C ARG D 184 2.87 -38.71 8.79
N ASP D 185 2.83 -39.78 7.98
CA ASP D 185 3.57 -41.00 8.29
C ASP D 185 5.06 -40.71 8.42
N ALA D 186 5.59 -39.93 7.49
CA ALA D 186 7.02 -39.62 7.49
C ALA D 186 7.39 -38.78 8.69
N LEU D 187 6.56 -37.79 9.04
CA LEU D 187 6.87 -36.98 10.21
C LEU D 187 6.78 -37.80 11.49
N GLU D 188 5.93 -38.83 11.51
CA GLU D 188 5.79 -39.66 12.71
C GLU D 188 6.99 -40.57 12.91
N SER D 189 7.56 -41.08 11.83
CA SER D 189 8.51 -42.20 11.89
C SER D 189 9.95 -41.81 11.59
N THR D 190 10.19 -40.60 11.09
CA THR D 190 11.53 -40.22 10.68
C THR D 190 12.39 -39.87 11.90
N ASP D 191 13.63 -40.35 11.88
CA ASP D 191 14.61 -40.02 12.92
C ASP D 191 15.24 -38.67 12.58
N PHE D 192 14.90 -37.64 13.36
CA PHE D 192 15.50 -36.32 13.21
C PHE D 192 16.64 -36.10 14.20
N GLY D 193 17.20 -37.19 14.74
CA GLY D 193 18.39 -37.08 15.56
C GLY D 193 18.17 -36.36 16.87
N ASN D 194 18.90 -35.28 17.09
CA ASN D 194 18.71 -34.47 18.30
C ASN D 194 17.45 -33.64 18.27
N ALA D 195 16.78 -33.55 17.13
CA ALA D 195 15.54 -32.79 16.99
C ALA D 195 14.35 -33.74 16.97
N ASN D 196 13.18 -33.20 17.33
CA ASN D 196 11.97 -34.00 17.43
C ASN D 196 10.78 -33.21 16.90
N VAL D 197 10.04 -33.81 15.97
CA VAL D 197 8.77 -33.26 15.52
C VAL D 197 7.87 -33.10 16.73
N PRO D 198 7.37 -31.90 17.03
CA PRO D 198 6.59 -31.70 18.26
C PRO D 198 5.08 -31.85 18.09
N PHE D 199 4.58 -32.13 16.88
CA PHE D 199 3.15 -32.27 16.61
C PHE D 199 2.79 -33.64 16.03
N LYS D 200 3.62 -34.67 16.28
CA LYS D 200 3.30 -36.00 15.83
C LYS D 200 2.53 -36.72 16.95
N SER D 201 2.75 -38.02 17.16
CA SER D 201 1.98 -38.70 18.20
C SER D 201 2.32 -38.20 19.59
N ASN D 202 3.34 -37.37 19.73
CA ASN D 202 3.70 -36.71 20.99
C ASN D 202 2.96 -35.38 21.19
N PHE D 203 2.02 -35.04 20.31
CA PHE D 203 1.36 -33.73 20.35
C PHE D 203 0.75 -33.44 21.71
N GLN D 204 -0.06 -34.35 22.23
CA GLN D 204 -0.73 -34.12 23.51
C GLN D 204 0.28 -34.01 24.66
N ASP D 205 1.34 -34.82 24.62
CA ASP D 205 2.41 -34.71 25.62
C ASP D 205 3.09 -33.34 25.54
N LYS D 206 3.27 -32.81 24.32
CA LYS D 206 3.88 -31.49 24.21
C LYS D 206 2.96 -30.39 24.73
N LEU D 207 1.65 -30.51 24.49
CA LEU D 207 0.72 -29.53 25.04
C LEU D 207 0.76 -29.52 26.56
N VAL D 208 0.92 -30.69 27.19
CA VAL D 208 1.06 -30.74 28.64
C VAL D 208 2.25 -29.91 29.09
N LYS D 209 3.41 -30.16 28.47
CA LYS D 209 4.62 -29.42 28.81
C LYS D 209 4.48 -27.93 28.51
N ALA D 210 3.69 -27.57 27.50
CA ALA D 210 3.54 -26.16 27.14
C ALA D 210 2.48 -25.45 27.98
N PHE D 211 1.68 -26.17 28.76
CA PHE D 211 0.59 -25.54 29.47
C PHE D 211 1.11 -24.45 30.40
N PHE D 212 0.32 -23.40 30.54
CA PHE D 212 0.77 -22.13 31.09
C PHE D 212 0.52 -21.98 32.59
N GLN D 213 -0.04 -22.98 33.24
CA GLN D 213 -0.15 -22.97 34.70
C GLN D 213 0.94 -23.84 35.32
MG MG E . 9.92 10.14 13.02
MG MG F . -10.89 1.46 -32.98
MG MG G . -15.78 13.96 2.00
MG MG H . 16.05 -24.89 20.15
C1 95Z I . 18.71 -28.64 20.17
O1 95Z I . 17.97 -27.52 19.81
C2 95Z I . 18.71 -28.84 21.69
N2 95Z I . 17.38 -29.16 22.16
C3 95Z I . 19.69 -29.89 22.05
O3 95Z I . 19.32 -31.13 21.38
C4 95Z I . 21.09 -29.53 21.67
O4 95Z I . 21.83 -29.16 22.84
C5 95Z I . 21.15 -28.37 20.65
O5 95Z I . 20.09 -28.47 19.63
C6 95Z I . 22.50 -28.23 20.04
O6 95Z I . 23.48 -27.90 21.04
#